data_4C72
#
_entry.id   4C72
#
_cell.length_a   74.310
_cell.length_b   89.100
_cell.length_c   183.610
_cell.angle_alpha   90.00
_cell.angle_beta   90.00
_cell.angle_gamma   90.00
#
_symmetry.space_group_name_H-M   'P 21 21 21'
#
loop_
_entity.id
_entity.type
_entity.pdbx_description
1 polymer '3-OXOACYL-[ACYL-CARRIER-PROTEIN] SYNTHASE 1'
2 non-polymer 1,2-ETHANEDIOL
3 non-polymer 'POTASSIUM ION'
4 non-polymer (5R)-3-acetyl-4-hydroxy-5-methyl-5-[(1Z)-2-methylbuta-1,3-dien-1-yl]thiophen-2(5H)-one
5 non-polymer '(2R)-2-(hexadecanoyloxy)-3-{[(10R)-10-methyloctadecanoyl]oxy}propyl phosphate'
6 water water
#
_entity_poly.entity_id   1
_entity_poly.type   'polypeptide(L)'
_entity_poly.pdbx_seq_one_letter_code
;MGSSHHHHHHSSGLVPRGSHMASMSQPSTANGGFPSVVVTAVTATTSISPDIESTWKGLLAGESGIHALEDEFVTKWDLA
VKIGGHLKDPVDSHMGRLDMRRMSYVQRMGKLLGGQLWESAGSPEVDPDRFAVVVGTGLGGAERIVESYDLMNAGGPRKV
SPLAVQMIMPNGAAAVIGLQLGARAGVMTPVSAQSSGSEAIAHAWRQIVMGDADVAVCGGVEGPIEALPIAAFSMMRAMS
TRNDEPERASRPFDKDRDGFVFGEAGALMLIETEEHAKARGAKPLARLLGAGITSDAFHMVAPAADGVRAGRAMTRSLEL
AGLSPADIDHVNAHGTATPIGDAAEANAIRVAGCDQAAVYAPKSALGHSIGAVGALESVLTVLTLRDGVIPPTLNYETPD
PEIDLDVVAGEPRYGDYRYAVNNSFGFGGHNVALAFGRY
;
_entity_poly.pdbx_strand_id   A,B
#
loop_
_chem_comp.id
_chem_comp.type
_chem_comp.name
_chem_comp.formula
EDO non-polymer 1,2-ETHANEDIOL 'C2 H6 O2'
K non-polymer 'POTASSIUM ION' 'K 1'
M7U non-polymer '(2R)-2-(hexadecanoyloxy)-3-{[(10R)-10-methyloctadecanoyl]oxy}propyl phosphate' 'C38 H75 O8 P'
TLG non-polymer (5R)-3-acetyl-4-hydroxy-5-methyl-5-[(1Z)-2-methylbuta-1,3-dien-1-yl]thiophen-2(5H)-one 'C12 H14 O3 S'
#
# COMPACT_ATOMS: atom_id res chain seq x y z
N PRO A 27 21.89 16.24 -2.74
CA PRO A 27 21.28 16.12 -1.39
C PRO A 27 21.27 14.73 -0.83
N SER A 28 21.85 14.66 0.37
CA SER A 28 22.03 13.38 1.04
C SER A 28 21.94 13.67 2.53
N THR A 29 21.84 12.61 3.33
CA THR A 29 21.94 12.86 4.76
C THR A 29 23.31 13.41 5.16
N ALA A 30 24.36 12.86 4.56
CA ALA A 30 25.73 13.25 4.95
C ALA A 30 26.02 14.71 4.63
N ASN A 31 25.45 15.23 3.54
CA ASN A 31 25.72 16.63 3.21
C ASN A 31 24.69 17.65 3.74
N GLY A 32 23.77 17.15 4.56
CA GLY A 32 22.78 17.98 5.23
C GLY A 32 21.64 18.38 4.32
N GLY A 33 21.59 17.79 3.12
CA GLY A 33 20.47 18.05 2.23
C GLY A 33 19.16 17.48 2.75
N PHE A 34 19.25 16.42 3.56
CA PHE A 34 18.09 15.85 4.30
C PHE A 34 18.30 16.08 5.79
N PRO A 35 17.23 16.24 6.58
CA PRO A 35 17.40 16.26 8.05
C PRO A 35 17.86 14.90 8.54
N SER A 36 18.58 14.91 9.66
CA SER A 36 19.00 13.71 10.34
C SER A 36 17.76 13.10 10.98
N VAL A 37 17.63 11.81 10.76
CA VAL A 37 16.52 11.02 11.29
C VAL A 37 17.06 9.88 12.12
N VAL A 38 16.54 9.77 13.32
CA VAL A 38 17.01 8.76 14.26
C VAL A 38 15.90 7.79 14.67
N VAL A 39 16.30 6.59 15.07
CA VAL A 39 15.39 5.57 15.58
C VAL A 39 15.44 5.71 17.10
N THR A 40 14.30 5.92 17.75
CA THR A 40 14.29 6.18 19.19
C THR A 40 13.56 5.16 20.02
N ALA A 41 12.89 4.20 19.38
CA ALA A 41 12.29 3.08 20.13
C ALA A 41 11.98 1.96 19.16
N VAL A 42 12.00 0.72 19.66
CA VAL A 42 11.64 -0.43 18.83
C VAL A 42 10.77 -1.35 19.66
N THR A 43 9.92 -2.12 18.97
CA THR A 43 9.14 -3.16 19.65
CA THR A 43 9.14 -3.17 19.64
C THR A 43 8.93 -4.29 18.64
N ALA A 44 8.90 -5.54 19.11
CA ALA A 44 8.58 -6.65 18.19
C ALA A 44 8.05 -7.82 19.01
N THR A 45 7.22 -8.62 18.39
CA THR A 45 6.87 -9.90 18.98
C THR A 45 7.30 -10.98 18.00
N THR A 46 7.93 -12.03 18.53
CA THR A 46 8.47 -13.07 17.63
C THR A 46 8.23 -14.47 18.18
N SER A 47 8.70 -15.46 17.41
CA SER A 47 8.58 -16.85 17.89
C SER A 47 9.57 -17.15 19.00
N ILE A 48 10.53 -16.27 19.29
CA ILE A 48 11.41 -16.43 20.46
C ILE A 48 10.88 -15.75 21.74
N SER A 49 10.27 -14.58 21.62
CA SER A 49 9.84 -13.81 22.79
C SER A 49 8.89 -12.72 22.36
N PRO A 50 8.04 -12.25 23.29
CA PRO A 50 7.34 -10.97 23.04
C PRO A 50 8.19 -9.74 23.29
N ASP A 51 9.37 -9.92 23.90
CA ASP A 51 10.21 -8.81 24.34
CA ASP A 51 10.20 -8.81 24.34
C ASP A 51 11.38 -8.75 23.36
N ILE A 52 11.48 -7.67 22.58
CA ILE A 52 12.58 -7.57 21.59
C ILE A 52 13.96 -7.77 22.22
N GLU A 53 14.20 -7.25 23.42
CA GLU A 53 15.53 -7.41 23.99
C GLU A 53 15.81 -8.86 24.32
N SER A 54 14.78 -9.63 24.68
CA SER A 54 14.92 -11.07 24.92
C SER A 54 15.05 -11.86 23.63
N THR A 55 14.30 -11.46 22.59
CA THR A 55 14.57 -12.07 21.27
C THR A 55 16.02 -11.88 20.90
N TRP A 56 16.52 -10.66 21.08
CA TRP A 56 17.90 -10.35 20.66
C TRP A 56 18.92 -11.21 21.45
N LYS A 57 18.77 -11.27 22.78
CA LYS A 57 19.67 -12.11 23.56
CA LYS A 57 19.65 -12.12 23.59
C LYS A 57 19.57 -13.57 23.13
N GLY A 58 18.35 -14.04 22.78
CA GLY A 58 18.18 -15.42 22.32
C GLY A 58 18.90 -15.65 21.00
N LEU A 59 18.76 -14.70 20.07
CA LEU A 59 19.42 -14.88 18.76
C LEU A 59 20.95 -14.97 18.99
N LEU A 60 21.48 -14.09 19.85
CA LEU A 60 22.93 -14.11 20.09
C LEU A 60 23.38 -15.41 20.74
N ALA A 61 22.50 -16.05 21.50
CA ALA A 61 22.80 -17.35 22.13
C ALA A 61 22.55 -18.55 21.20
N GLY A 62 22.15 -18.28 19.95
CA GLY A 62 21.96 -19.36 18.97
C GLY A 62 20.59 -20.02 19.02
N GLU A 63 19.62 -19.34 19.64
CA GLU A 63 18.27 -19.89 19.77
C GLU A 63 17.49 -19.80 18.46
N SER A 64 16.63 -20.80 18.25
CA SER A 64 15.69 -20.80 17.13
C SER A 64 14.29 -20.70 17.67
N GLY A 65 13.44 -20.01 16.90
CA GLY A 65 12.00 -19.95 17.22
C GLY A 65 11.17 -21.02 16.48
N ILE A 66 11.82 -21.89 15.69
CA ILE A 66 11.07 -22.83 14.84
C ILE A 66 10.89 -24.18 15.55
N HIS A 67 9.69 -24.73 15.48
CA HIS A 67 9.35 -25.95 16.17
C HIS A 67 8.43 -26.79 15.30
N ALA A 68 8.16 -28.03 15.71
CA ALA A 68 7.11 -28.79 15.02
C ALA A 68 5.79 -28.05 15.26
N LEU A 69 4.93 -27.99 14.24
CA LEU A 69 3.57 -27.44 14.44
C LEU A 69 2.67 -28.42 15.17
N GLU A 70 2.04 -28.00 16.26
CA GLU A 70 1.14 -28.93 16.93
CA GLU A 70 1.14 -28.84 17.05
C GLU A 70 -0.33 -28.64 16.67
N ASP A 71 -0.58 -27.69 15.79
CA ASP A 71 -1.96 -27.33 15.46
C ASP A 71 -2.75 -28.49 14.87
N GLU A 72 -4.01 -28.58 15.28
CA GLU A 72 -4.87 -29.63 14.73
CA GLU A 72 -4.99 -29.54 14.72
C GLU A 72 -5.01 -29.51 13.21
N PHE A 73 -4.85 -28.29 12.65
CA PHE A 73 -5.03 -28.15 11.21
C PHE A 73 -3.96 -28.93 10.45
N VAL A 74 -2.81 -29.16 11.07
CA VAL A 74 -1.75 -29.88 10.39
C VAL A 74 -2.21 -31.33 10.17
N THR A 75 -2.74 -31.99 11.20
CA THR A 75 -3.20 -33.36 11.05
C THR A 75 -4.50 -33.42 10.26
N LYS A 76 -5.38 -32.42 10.40
CA LYS A 76 -6.64 -32.45 9.64
C LYS A 76 -6.37 -32.58 8.12
N TRP A 77 -5.42 -31.79 7.64
CA TRP A 77 -5.14 -31.72 6.22
C TRP A 77 -3.93 -32.54 5.79
N ASP A 78 -3.26 -33.17 6.75
CA ASP A 78 -1.97 -33.84 6.51
C ASP A 78 -1.01 -32.98 5.67
N LEU A 79 -0.72 -31.78 6.17
CA LEU A 79 0.05 -30.83 5.37
C LEU A 79 1.48 -31.35 5.15
N ALA A 80 2.03 -31.07 3.96
CA ALA A 80 3.40 -31.46 3.66
C ALA A 80 4.37 -30.68 4.57
N VAL A 81 3.99 -29.46 4.96
CA VAL A 81 4.85 -28.64 5.83
C VAL A 81 4.28 -28.82 7.25
N LYS A 82 5.14 -29.17 8.21
CA LYS A 82 4.68 -29.50 9.58
C LYS A 82 5.55 -28.75 10.60
N ILE A 83 6.13 -27.64 10.15
CA ILE A 83 7.06 -26.88 11.01
C ILE A 83 6.79 -25.37 10.86
N GLY A 84 7.23 -24.62 11.86
CA GLY A 84 7.10 -23.15 11.79
C GLY A 84 7.26 -22.62 13.20
N GLY A 85 7.26 -21.30 13.29
CA GLY A 85 7.37 -20.63 14.60
C GLY A 85 6.15 -19.80 14.92
N HIS A 86 5.30 -20.27 15.81
CA HIS A 86 4.22 -19.38 16.29
C HIS A 86 4.82 -18.38 17.26
N LEU A 87 4.15 -17.23 17.44
CA LEU A 87 4.63 -16.32 18.49
C LEU A 87 4.77 -17.06 19.82
N LYS A 88 5.84 -16.68 20.53
CA LYS A 88 6.04 -17.18 21.90
CA LYS A 88 6.02 -17.20 21.88
C LYS A 88 4.85 -16.79 22.79
N ASP A 89 4.36 -15.56 22.64
CA ASP A 89 3.28 -15.00 23.46
C ASP A 89 2.18 -14.57 22.49
N PRO A 90 1.07 -15.33 22.44
CA PRO A 90 0.04 -15.02 21.42
C PRO A 90 -0.59 -13.64 21.64
N VAL A 91 -0.77 -12.93 20.52
CA VAL A 91 -1.38 -11.59 20.57
C VAL A 91 -2.70 -11.60 21.34
N ASP A 92 -3.56 -12.59 21.09
CA ASP A 92 -4.93 -12.54 21.64
C ASP A 92 -4.97 -12.79 23.15
N SER A 93 -3.85 -13.19 23.76
CA SER A 93 -3.86 -13.27 25.22
CA SER A 93 -3.75 -13.26 25.21
C SER A 93 -3.84 -11.89 25.86
N HIS A 94 -3.65 -10.85 25.05
CA HIS A 94 -3.64 -9.46 25.49
C HIS A 94 -4.86 -8.69 25.02
N MET A 95 -5.84 -9.37 24.42
CA MET A 95 -6.94 -8.65 23.81
C MET A 95 -8.18 -8.86 24.63
N GLY A 96 -8.97 -7.81 24.78
CA GLY A 96 -10.25 -7.96 25.50
C GLY A 96 -11.40 -8.47 24.61
N ARG A 97 -12.57 -8.62 25.25
CA ARG A 97 -13.70 -9.20 24.56
C ARG A 97 -14.09 -8.36 23.36
N LEU A 98 -14.12 -7.04 23.51
CA LEU A 98 -14.57 -6.23 22.38
C LEU A 98 -13.55 -6.17 21.27
N ASP A 99 -12.26 -6.12 21.62
CA ASP A 99 -11.18 -6.16 20.62
C ASP A 99 -11.33 -7.40 19.73
N MET A 100 -11.62 -8.55 20.35
CA MET A 100 -11.74 -9.81 19.56
C MET A 100 -12.88 -9.76 18.59
N ARG A 101 -13.87 -8.88 18.85
CA ARG A 101 -15.09 -8.82 18.02
CA ARG A 101 -15.07 -8.83 18.00
C ARG A 101 -15.10 -7.64 17.04
N ARG A 102 -14.14 -6.72 17.18
CA ARG A 102 -14.15 -5.44 16.43
C ARG A 102 -12.90 -5.17 15.60
N MET A 103 -11.93 -6.08 15.68
CA MET A 103 -10.68 -5.93 14.95
C MET A 103 -10.34 -7.22 14.26
N SER A 104 -9.70 -7.14 13.10
CA SER A 104 -9.04 -8.34 12.52
C SER A 104 -7.77 -8.64 13.31
N TYR A 105 -7.18 -9.80 13.05
CA TYR A 105 -6.00 -10.22 13.79
C TYR A 105 -4.86 -9.18 13.57
N VAL A 106 -4.62 -8.74 12.34
CA VAL A 106 -3.52 -7.80 12.14
C VAL A 106 -3.76 -6.43 12.81
N GLN A 107 -5.06 -6.05 12.95
CA GLN A 107 -5.35 -4.86 13.72
C GLN A 107 -5.02 -5.07 15.19
N ARG A 108 -5.41 -6.22 15.74
CA ARG A 108 -5.10 -6.52 17.15
C ARG A 108 -3.59 -6.52 17.36
N MET A 109 -2.85 -7.13 16.44
CA MET A 109 -1.37 -7.09 16.58
C MET A 109 -0.90 -5.64 16.54
N GLY A 110 -1.44 -4.83 15.62
CA GLY A 110 -1.03 -3.43 15.46
C GLY A 110 -1.30 -2.65 16.74
N LYS A 111 -2.48 -2.85 17.35
CA LYS A 111 -2.80 -2.15 18.59
C LYS A 111 -1.85 -2.56 19.72
N LEU A 112 -1.60 -3.85 19.82
CA LEU A 112 -0.72 -4.35 20.89
C LEU A 112 0.68 -3.70 20.73
N LEU A 113 1.25 -3.81 19.53
CA LEU A 113 2.61 -3.30 19.33
C LEU A 113 2.67 -1.76 19.39
N GLY A 114 1.64 -1.09 18.87
CA GLY A 114 1.65 0.39 18.92
C GLY A 114 1.69 0.89 20.35
N GLY A 115 0.89 0.26 21.23
CA GLY A 115 0.91 0.67 22.63
C GLY A 115 2.23 0.38 23.32
N GLN A 116 2.80 -0.78 23.01
CA GLN A 116 4.08 -1.15 23.61
C GLN A 116 5.17 -0.19 23.16
N LEU A 117 5.19 0.15 21.87
CA LEU A 117 6.20 1.06 21.34
C LEU A 117 6.06 2.42 22.03
N TRP A 118 4.83 2.94 22.10
CA TRP A 118 4.65 4.27 22.69
C TRP A 118 5.12 4.32 24.11
N GLU A 119 4.79 3.28 24.89
CA GLU A 119 5.28 3.22 26.25
C GLU A 119 6.82 3.14 26.31
N SER A 120 7.44 2.32 25.46
CA SER A 120 8.91 2.29 25.39
C SER A 120 9.55 3.61 25.03
N ALA A 121 8.82 4.45 24.30
CA ALA A 121 9.32 5.77 23.93
C ALA A 121 9.12 6.83 25.02
N GLY A 122 8.48 6.44 26.11
CA GLY A 122 8.23 7.40 27.20
C GLY A 122 6.90 8.10 27.06
N SER A 123 6.02 7.52 26.24
CA SER A 123 4.70 8.10 26.01
C SER A 123 4.72 9.60 25.67
N PRO A 124 5.52 9.99 24.67
CA PRO A 124 5.71 11.43 24.40
C PRO A 124 4.44 12.14 23.91
N GLU A 125 4.29 13.40 24.29
CA GLU A 125 3.15 14.18 23.83
C GLU A 125 3.68 14.96 22.65
N VAL A 126 3.51 14.37 21.46
CA VAL A 126 4.02 14.97 20.23
C VAL A 126 2.92 15.81 19.57
N ASP A 127 3.30 16.66 18.61
CA ASP A 127 2.29 17.44 17.88
C ASP A 127 1.60 16.48 16.91
N PRO A 128 0.31 16.15 17.12
CA PRO A 128 -0.34 15.17 16.22
C PRO A 128 -0.24 15.54 14.73
N ASP A 129 -0.21 16.85 14.44
CA ASP A 129 -0.17 17.32 13.07
C ASP A 129 1.21 17.13 12.43
N ARG A 130 2.18 16.64 13.19
CA ARG A 130 3.53 16.38 12.63
C ARG A 130 3.86 14.91 12.87
N PHE A 131 2.86 14.08 13.14
CA PHE A 131 3.06 12.68 13.53
C PHE A 131 2.35 11.76 12.52
N ALA A 132 3.15 10.93 11.83
CA ALA A 132 2.64 10.00 10.81
C ALA A 132 2.79 8.56 11.24
N VAL A 133 1.99 7.69 10.60
CA VAL A 133 2.14 6.24 10.78
C VAL A 133 2.25 5.60 9.40
N VAL A 134 3.20 4.69 9.26
CA VAL A 134 3.31 3.93 7.98
C VAL A 134 3.50 2.47 8.36
N VAL A 135 2.49 1.62 8.12
CA VAL A 135 2.60 0.23 8.56
C VAL A 135 2.16 -0.64 7.39
N GLY A 136 3.07 -1.52 6.98
CA GLY A 136 2.80 -2.48 5.88
C GLY A 136 2.21 -3.79 6.42
N THR A 137 1.59 -4.56 5.53
CA THR A 137 1.16 -5.92 5.85
C THR A 137 0.99 -6.62 4.50
N GLY A 138 1.05 -7.94 4.50
CA GLY A 138 0.95 -8.67 3.21
C GLY A 138 -0.47 -8.65 2.62
N LEU A 139 -1.49 -8.75 3.46
CA LEU A 139 -2.84 -8.98 2.95
C LEU A 139 -3.94 -8.16 3.64
N GLY A 140 -3.94 -8.19 4.97
CA GLY A 140 -5.01 -7.50 5.73
C GLY A 140 -5.82 -8.46 6.56
N GLY A 141 -7.06 -8.08 6.85
CA GLY A 141 -7.92 -8.88 7.75
C GLY A 141 -8.63 -9.95 6.95
N ALA A 142 -7.85 -10.84 6.34
CA ALA A 142 -8.49 -11.78 5.44
C ALA A 142 -9.34 -12.84 6.09
N GLU A 143 -9.09 -13.13 7.36
CA GLU A 143 -9.98 -14.08 8.02
C GLU A 143 -11.39 -13.51 8.10
N ARG A 144 -11.52 -12.18 8.15
CA ARG A 144 -12.86 -11.61 8.21
C ARG A 144 -13.55 -11.69 6.86
N ILE A 145 -12.76 -11.79 5.76
CA ILE A 145 -13.39 -12.04 4.45
C ILE A 145 -14.02 -13.41 4.41
N VAL A 146 -13.27 -14.43 4.86
CA VAL A 146 -13.86 -15.77 4.82
C VAL A 146 -14.98 -15.93 5.86
N GLU A 147 -14.90 -15.23 7.00
CA GLU A 147 -15.97 -15.30 8.00
CA GLU A 147 -15.96 -15.30 7.99
C GLU A 147 -17.23 -14.63 7.44
N SER A 148 -17.06 -13.45 6.83
CA SER A 148 -18.24 -12.76 6.26
C SER A 148 -18.90 -13.56 5.14
N TYR A 149 -18.07 -14.15 4.27
CA TYR A 149 -18.53 -15.03 3.19
C TYR A 149 -19.38 -16.17 3.78
N ASP A 150 -18.82 -16.88 4.76
CA ASP A 150 -19.56 -17.99 5.40
C ASP A 150 -20.85 -17.52 6.07
N LEU A 151 -20.80 -16.37 6.75
CA LEU A 151 -22.01 -15.89 7.44
C LEU A 151 -23.11 -15.56 6.45
N MET A 152 -22.77 -14.90 5.36
CA MET A 152 -23.78 -14.51 4.37
C MET A 152 -24.29 -15.79 3.65
N ASN A 153 -23.40 -16.72 3.31
CA ASN A 153 -23.87 -17.93 2.62
C ASN A 153 -24.84 -18.68 3.50
N ALA A 154 -24.61 -18.66 4.80
CA ALA A 154 -25.50 -19.41 5.73
C ALA A 154 -26.79 -18.68 6.09
N GLY A 155 -26.74 -17.36 6.18
CA GLY A 155 -27.82 -16.57 6.76
C GLY A 155 -28.27 -15.31 6.06
N GLY A 156 -27.59 -14.96 4.97
CA GLY A 156 -27.96 -13.81 4.17
C GLY A 156 -27.21 -12.54 4.54
N PRO A 157 -27.45 -11.47 3.78
CA PRO A 157 -26.59 -10.29 3.87
C PRO A 157 -26.63 -9.64 5.26
N ARG A 158 -27.74 -9.74 5.98
CA ARG A 158 -27.87 -9.05 7.24
C ARG A 158 -27.06 -9.74 8.34
N LYS A 159 -26.39 -10.86 8.01
CA LYS A 159 -25.52 -11.50 8.97
C LYS A 159 -24.10 -10.94 8.89
N VAL A 160 -23.80 -10.14 7.88
CA VAL A 160 -22.46 -9.54 7.76
C VAL A 160 -22.34 -8.42 8.79
N SER A 161 -21.18 -8.35 9.48
CA SER A 161 -20.99 -7.32 10.50
C SER A 161 -20.93 -5.94 9.86
N PRO A 162 -21.51 -4.92 10.51
CA PRO A 162 -21.25 -3.55 10.10
C PRO A 162 -19.78 -3.14 10.24
N LEU A 163 -18.96 -3.96 10.92
CA LEU A 163 -17.55 -3.68 11.08
C LEU A 163 -16.70 -4.42 10.05
N ALA A 164 -17.33 -5.24 9.19
CA ALA A 164 -16.49 -6.06 8.27
C ALA A 164 -15.57 -5.24 7.38
N VAL A 165 -16.08 -4.17 6.77
CA VAL A 165 -15.23 -3.43 5.85
C VAL A 165 -13.98 -2.95 6.60
N GLN A 166 -14.18 -2.29 7.74
CA GLN A 166 -13.04 -1.66 8.40
C GLN A 166 -12.08 -2.67 9.00
N MET A 167 -12.56 -3.90 9.25
CA MET A 167 -11.60 -4.94 9.73
C MET A 167 -10.83 -5.56 8.57
N ILE A 168 -11.47 -5.63 7.40
CA ILE A 168 -10.86 -6.32 6.21
C ILE A 168 -9.86 -5.44 5.47
N MET A 169 -10.18 -4.16 5.32
CA MET A 169 -9.36 -3.27 4.46
C MET A 169 -7.89 -3.36 4.87
N PRO A 170 -6.99 -3.46 3.89
CA PRO A 170 -5.60 -3.71 4.29
C PRO A 170 -4.90 -2.57 5.04
N ASN A 171 -5.41 -1.34 4.86
CA ASN A 171 -4.96 -0.20 5.69
C ASN A 171 -5.51 -0.20 7.10
N GLY A 172 -6.22 -1.27 7.46
CA GLY A 172 -6.87 -1.32 8.80
C GLY A 172 -5.90 -1.30 9.98
N ALA A 173 -4.78 -2.02 9.90
CA ALA A 173 -3.87 -2.04 11.04
C ALA A 173 -3.21 -0.69 11.22
N ALA A 174 -2.71 -0.12 10.10
CA ALA A 174 -2.13 1.22 10.21
C ALA A 174 -3.14 2.23 10.76
N ALA A 175 -4.39 2.12 10.29
CA ALA A 175 -5.40 3.09 10.74
C ALA A 175 -5.71 2.94 12.24
N VAL A 176 -5.73 1.70 12.73
CA VAL A 176 -5.93 1.50 14.17
C VAL A 176 -4.79 2.16 14.96
N ILE A 177 -3.55 1.94 14.50
CA ILE A 177 -2.42 2.58 15.20
C ILE A 177 -2.52 4.11 15.12
N GLY A 178 -2.88 4.64 13.94
CA GLY A 178 -2.99 6.10 13.81
C GLY A 178 -4.08 6.67 14.71
N LEU A 179 -5.19 5.94 14.86
CA LEU A 179 -6.26 6.42 15.70
CA LEU A 179 -6.28 6.39 15.72
C LEU A 179 -5.91 6.31 17.20
N GLN A 180 -5.27 5.19 17.56
CA GLN A 180 -4.83 4.88 18.94
CA GLN A 180 -4.99 5.03 18.97
C GLN A 180 -3.85 5.96 19.43
N LEU A 181 -2.88 6.28 18.56
CA LEU A 181 -1.77 7.13 19.00
C LEU A 181 -1.93 8.60 18.59
N GLY A 182 -2.92 8.86 17.74
CA GLY A 182 -3.31 10.24 17.43
C GLY A 182 -2.50 10.88 16.30
N ALA A 183 -2.20 10.09 15.27
CA ALA A 183 -1.34 10.60 14.19
C ALA A 183 -2.19 11.32 13.12
N ARG A 184 -1.88 12.60 12.87
CA ARG A 184 -2.68 13.38 11.94
C ARG A 184 -1.86 13.89 10.76
N ALA A 185 -0.61 13.38 10.61
CA ALA A 185 0.21 13.81 9.48
C ALA A 185 0.24 12.75 8.38
N GLY A 186 -0.69 11.80 8.39
CA GLY A 186 -0.76 10.77 7.36
C GLY A 186 -0.71 9.40 8.01
N VAL A 187 -1.48 8.46 7.45
CA VAL A 187 -1.43 7.05 7.85
C VAL A 187 -1.41 6.27 6.55
N MET A 188 -0.27 5.60 6.30
CA MET A 188 -0.09 4.97 5.01
CA MET A 188 0.01 4.99 5.00
C MET A 188 0.25 3.51 5.15
N THR A 189 -0.19 2.74 4.15
CA THR A 189 0.01 1.29 4.13
C THR A 189 0.52 0.93 2.73
N PRO A 190 1.83 0.77 2.58
CA PRO A 190 2.38 0.25 1.31
C PRO A 190 2.32 -1.26 1.36
N VAL A 191 1.82 -1.85 0.27
CA VAL A 191 1.86 -3.30 0.23
CA VAL A 191 1.81 -3.30 0.19
C VAL A 191 2.76 -3.76 -0.92
N SER A 192 3.74 -4.56 -0.56
CA SER A 192 4.69 -5.12 -1.51
C SER A 192 5.07 -6.50 -1.04
N ALA A 193 4.07 -7.26 -0.61
CA ALA A 193 4.31 -8.66 -0.25
C ALA A 193 5.44 -8.74 0.80
N GLN A 194 6.48 -9.56 0.58
CA GLN A 194 7.43 -9.80 1.65
C GLN A 194 8.39 -8.62 1.85
N SER A 195 8.30 -7.51 1.08
CA SER A 195 9.09 -6.31 1.43
C SER A 195 8.24 -5.23 2.08
N SER A 196 6.98 -5.51 2.42
CA SER A 196 6.10 -4.43 2.90
C SER A 196 6.62 -3.78 4.17
N GLY A 197 7.17 -4.58 5.09
CA GLY A 197 7.55 -4.00 6.40
C GLY A 197 8.77 -3.07 6.33
N SER A 198 9.69 -3.35 5.40
CA SER A 198 10.78 -2.41 5.14
C SER A 198 10.30 -1.23 4.30
N GLU A 199 9.41 -1.50 3.32
CA GLU A 199 8.92 -0.41 2.47
C GLU A 199 8.23 0.62 3.36
N ALA A 200 7.55 0.15 4.39
CA ALA A 200 6.86 1.13 5.26
C ALA A 200 7.87 2.06 5.93
N ILE A 201 8.98 1.52 6.40
CA ILE A 201 9.98 2.35 7.07
C ILE A 201 10.62 3.30 6.02
N ALA A 202 10.80 2.83 4.77
CA ALA A 202 11.29 3.72 3.71
C ALA A 202 10.35 4.91 3.53
N HIS A 203 9.05 4.64 3.38
CA HIS A 203 8.15 5.78 3.12
C HIS A 203 8.04 6.67 4.35
N ALA A 204 8.15 6.15 5.57
CA ALA A 204 8.13 7.03 6.75
C ALA A 204 9.35 7.97 6.73
N TRP A 205 10.52 7.44 6.33
CA TRP A 205 11.71 8.29 6.23
C TRP A 205 11.45 9.35 5.18
N ARG A 206 10.90 8.97 4.02
CA ARG A 206 10.57 9.96 2.98
C ARG A 206 9.65 11.04 3.53
N GLN A 207 8.62 10.65 4.27
CA GLN A 207 7.63 11.61 4.79
CA GLN A 207 7.68 11.64 4.76
C GLN A 207 8.34 12.63 5.68
N ILE A 208 9.31 12.18 6.47
CA ILE A 208 10.00 13.11 7.38
C ILE A 208 10.94 13.99 6.54
N VAL A 209 11.76 13.39 5.67
CA VAL A 209 12.75 14.22 4.99
C VAL A 209 12.08 15.20 4.02
N MET A 210 10.87 14.89 3.52
CA MET A 210 10.07 15.79 2.63
CA MET A 210 10.20 15.87 2.64
C MET A 210 9.37 16.92 3.42
N GLY A 211 9.40 16.82 4.75
CA GLY A 211 8.83 17.86 5.60
C GLY A 211 7.37 17.70 5.92
N ASP A 212 6.83 16.49 5.69
CA ASP A 212 5.41 16.26 6.05
C ASP A 212 5.20 15.78 7.48
N ALA A 213 6.28 15.37 8.14
CA ALA A 213 6.14 14.89 9.53
C ALA A 213 7.49 15.07 10.20
N ASP A 214 7.47 15.13 11.54
CA ASP A 214 8.73 15.14 12.32
C ASP A 214 8.92 13.83 13.07
N VAL A 215 7.89 13.00 13.17
CA VAL A 215 7.95 11.77 13.97
C VAL A 215 7.01 10.76 13.31
N ALA A 216 7.41 9.49 13.27
CA ALA A 216 6.57 8.47 12.61
C ALA A 216 6.73 7.14 13.31
N VAL A 217 5.61 6.46 13.49
CA VAL A 217 5.65 5.03 13.86
C VAL A 217 5.61 4.25 12.57
N CYS A 218 6.46 3.24 12.44
CA CYS A 218 6.46 2.54 11.13
C CYS A 218 6.91 1.12 11.33
N GLY A 219 6.50 0.26 10.42
CA GLY A 219 6.96 -1.13 10.46
C GLY A 219 5.93 -2.01 9.77
N GLY A 220 5.67 -3.19 10.31
CA GLY A 220 4.83 -4.17 9.60
C GLY A 220 4.21 -5.17 10.59
N VAL A 221 3.03 -5.65 10.19
CA VAL A 221 2.34 -6.68 10.99
C VAL A 221 1.88 -7.76 10.02
N GLU A 222 1.59 -8.95 10.54
CA GLU A 222 1.18 -10.03 9.65
C GLU A 222 0.38 -11.05 10.47
N GLY A 223 -0.41 -11.84 9.73
CA GLY A 223 -1.22 -12.87 10.40
C GLY A 223 -0.41 -14.06 10.84
N PRO A 224 -1.08 -14.94 11.59
CA PRO A 224 -0.41 -16.13 12.11
C PRO A 224 -0.32 -17.25 11.08
N ILE A 225 0.40 -18.32 11.42
CA ILE A 225 0.49 -19.48 10.54
C ILE A 225 -0.87 -20.17 10.55
N GLU A 226 -1.40 -20.48 9.37
CA GLU A 226 -2.66 -21.22 9.27
C GLU A 226 -2.60 -22.14 8.07
N ALA A 227 -3.60 -23.00 7.94
CA ALA A 227 -3.52 -24.06 6.91
C ALA A 227 -3.56 -23.51 5.50
N LEU A 228 -4.49 -22.59 5.22
CA LEU A 228 -4.61 -22.08 3.85
C LEU A 228 -3.35 -21.31 3.35
N PRO A 229 -2.72 -20.48 4.20
CA PRO A 229 -1.43 -19.91 3.81
C PRO A 229 -0.36 -20.96 3.54
N ILE A 230 -0.26 -21.97 4.40
CA ILE A 230 0.71 -23.04 4.14
C ILE A 230 0.41 -23.75 2.80
N ALA A 231 -0.86 -24.06 2.54
CA ALA A 231 -1.19 -24.74 1.28
C ALA A 231 -0.79 -23.88 0.07
N ALA A 232 -1.12 -22.58 0.12
CA ALA A 232 -0.85 -21.73 -1.02
C ALA A 232 0.64 -21.59 -1.32
N PHE A 233 1.45 -21.35 -0.28
CA PHE A 233 2.89 -21.27 -0.54
C PHE A 233 3.53 -22.63 -0.83
N SER A 234 2.97 -23.71 -0.25
CA SER A 234 3.47 -25.07 -0.58
C SER A 234 3.21 -25.42 -2.03
N MET A 235 2.09 -24.98 -2.61
CA MET A 235 1.83 -25.32 -4.01
C MET A 235 2.70 -24.52 -4.96
N MET A 236 3.43 -23.51 -4.44
CA MET A 236 4.50 -22.85 -5.19
C MET A 236 5.83 -23.58 -5.12
N ARG A 237 5.88 -24.63 -4.32
CA ARG A 237 7.14 -25.37 -4.05
C ARG A 237 8.21 -24.44 -3.43
N ALA A 238 7.76 -23.52 -2.59
CA ALA A 238 8.68 -22.53 -1.99
C ALA A 238 9.11 -22.84 -0.55
N MET A 239 8.48 -23.85 0.06
CA MET A 239 8.62 -24.06 1.52
C MET A 239 9.50 -25.26 1.85
N SER A 240 10.30 -25.08 2.92
CA SER A 240 11.01 -26.25 3.46
C SER A 240 10.02 -27.32 3.98
N THR A 241 10.43 -28.58 3.80
CA THR A 241 9.71 -29.71 4.38
C THR A 241 10.60 -30.58 5.25
N ARG A 242 11.56 -29.94 5.91
CA ARG A 242 12.48 -30.70 6.75
CA ARG A 242 12.49 -30.66 6.79
C ARG A 242 11.83 -30.88 8.14
N ASN A 243 10.78 -31.70 8.18
CA ASN A 243 9.89 -31.75 9.32
C ASN A 243 10.51 -32.49 10.49
N ASP A 244 11.48 -33.35 10.22
CA ASP A 244 12.09 -34.15 11.27
CA ASP A 244 12.02 -34.13 11.32
C ASP A 244 13.02 -33.35 12.19
N GLU A 245 13.52 -32.22 11.69
CA GLU A 245 14.47 -31.40 12.47
C GLU A 245 14.10 -29.93 12.30
N PRO A 246 13.03 -29.48 12.98
CA PRO A 246 12.45 -28.19 12.62
C PRO A 246 13.45 -27.03 12.78
N GLU A 247 14.30 -27.04 13.81
CA GLU A 247 15.28 -25.97 14.04
CA GLU A 247 15.26 -25.95 14.04
C GLU A 247 16.38 -25.92 12.97
N ARG A 248 16.54 -27.03 12.23
CA ARG A 248 17.55 -27.11 11.16
C ARG A 248 17.00 -26.80 9.77
N ALA A 249 15.68 -26.57 9.67
CA ALA A 249 15.03 -26.48 8.36
C ALA A 249 15.37 -25.20 7.61
N SER A 250 15.38 -24.04 8.30
CA SER A 250 15.61 -22.76 7.58
C SER A 250 17.13 -22.53 7.39
N ARG A 251 17.62 -22.66 6.15
CA ARG A 251 19.07 -22.66 5.94
C ARG A 251 19.55 -21.63 4.93
N PRO A 252 19.28 -20.34 5.19
CA PRO A 252 19.63 -19.37 4.17
C PRO A 252 21.12 -19.38 3.83
N PHE A 253 21.41 -19.36 2.53
CA PHE A 253 22.79 -19.34 1.94
C PHE A 253 23.49 -20.70 2.07
N ASP A 254 22.88 -21.66 2.74
CA ASP A 254 23.49 -22.97 2.91
C ASP A 254 23.28 -23.84 1.67
N LYS A 255 24.25 -24.72 1.37
CA LYS A 255 24.09 -25.52 0.16
CA LYS A 255 24.14 -25.63 0.22
C LYS A 255 22.85 -26.44 0.23
N ASP A 256 22.43 -26.83 1.43
CA ASP A 256 21.34 -27.85 1.59
C ASP A 256 19.97 -27.21 1.84
N ARG A 257 19.84 -25.90 1.58
CA ARG A 257 18.53 -25.28 1.79
C ARG A 257 17.45 -25.85 0.86
N ASP A 258 16.21 -25.74 1.34
CA ASP A 258 15.10 -26.29 0.56
C ASP A 258 13.85 -25.47 0.75
N GLY A 259 14.03 -24.16 0.87
CA GLY A 259 12.84 -23.29 0.92
C GLY A 259 12.69 -22.61 2.28
N PHE A 260 11.65 -21.78 2.38
CA PHE A 260 11.49 -20.95 3.57
C PHE A 260 10.65 -21.65 4.64
N VAL A 261 10.75 -21.08 5.84
CA VAL A 261 9.93 -21.59 6.97
C VAL A 261 9.18 -20.40 7.56
N PHE A 262 7.87 -20.57 7.79
CA PHE A 262 7.13 -19.48 8.43
C PHE A 262 7.60 -19.28 9.85
N GLY A 263 7.71 -18.01 10.25
CA GLY A 263 7.97 -17.68 11.67
C GLY A 263 7.22 -16.39 11.93
N GLU A 264 6.22 -16.44 12.81
CA GLU A 264 5.37 -15.28 13.05
C GLU A 264 6.12 -14.12 13.67
N ALA A 265 5.70 -12.91 13.28
CA ALA A 265 6.25 -11.72 13.94
C ALA A 265 5.38 -10.52 13.61
N GLY A 266 5.63 -9.46 14.40
CA GLY A 266 5.24 -8.10 14.03
C GLY A 266 6.29 -7.18 14.66
N ALA A 267 6.52 -6.02 14.02
CA ALA A 267 7.54 -5.11 14.58
C ALA A 267 7.27 -3.68 14.17
N LEU A 268 7.52 -2.77 15.11
CA LEU A 268 7.39 -1.34 14.80
C LEU A 268 8.61 -0.61 15.35
N MET A 269 8.94 0.51 14.71
CA MET A 269 9.93 1.40 15.29
C MET A 269 9.45 2.84 15.25
N LEU A 270 9.96 3.63 16.20
CA LEU A 270 9.65 5.06 16.22
C LEU A 270 10.86 5.77 15.61
N ILE A 271 10.63 6.60 14.60
CA ILE A 271 11.68 7.40 13.96
C ILE A 271 11.29 8.86 14.10
N GLU A 272 12.28 9.75 14.21
CA GLU A 272 11.97 11.18 14.35
C GLU A 272 13.21 11.97 13.94
N THR A 273 13.02 13.27 13.67
CA THR A 273 14.22 14.06 13.40
C THR A 273 15.09 14.06 14.66
N GLU A 274 16.39 14.16 14.42
CA GLU A 274 17.34 14.25 15.53
C GLU A 274 17.00 15.46 16.42
N GLU A 275 16.56 16.56 15.83
CA GLU A 275 16.14 17.76 16.57
CA GLU A 275 16.26 17.69 16.71
C GLU A 275 14.99 17.44 17.51
N HIS A 276 14.01 16.72 16.96
CA HIS A 276 12.81 16.37 17.72
C HIS A 276 13.21 15.47 18.85
N ALA A 277 14.09 14.51 18.58
CA ALA A 277 14.47 13.57 19.67
C ALA A 277 15.20 14.34 20.78
N LYS A 278 16.11 15.23 20.39
CA LYS A 278 16.89 15.98 21.36
C LYS A 278 15.98 16.85 22.22
N ALA A 279 14.94 17.43 21.61
CA ALA A 279 14.12 18.39 22.36
C ALA A 279 13.33 17.69 23.46
N ARG A 280 13.04 16.40 23.26
CA ARG A 280 12.27 15.65 24.27
C ARG A 280 13.12 14.69 25.07
N GLY A 281 14.44 14.72 24.85
CA GLY A 281 15.36 13.89 25.65
C GLY A 281 15.38 12.41 25.34
N ALA A 282 14.98 12.07 24.13
CA ALA A 282 14.99 10.66 23.69
C ALA A 282 16.43 10.25 23.34
N LYS A 283 16.87 9.06 23.74
CA LYS A 283 18.20 8.60 23.29
CA LYS A 283 18.16 8.52 23.39
C LYS A 283 18.04 7.70 22.09
N PRO A 284 18.64 8.14 21.01
CA PRO A 284 18.57 7.33 19.78
C PRO A 284 19.28 5.96 19.95
N LEU A 285 18.72 4.98 19.23
CA LEU A 285 19.34 3.67 19.10
CA LEU A 285 19.33 3.66 19.07
C LEU A 285 20.24 3.57 17.85
N ALA A 286 19.94 4.36 16.83
CA ALA A 286 20.63 4.34 15.53
C ALA A 286 20.09 5.47 14.70
N ARG A 287 20.73 5.64 13.54
CA ARG A 287 20.29 6.62 12.55
C ARG A 287 19.68 5.91 11.36
N LEU A 288 18.61 6.47 10.76
CA LEU A 288 18.06 5.93 9.51
C LEU A 288 18.39 6.92 8.40
N LEU A 289 19.36 6.54 7.55
CA LEU A 289 20.11 7.49 6.70
C LEU A 289 19.55 7.61 5.30
N GLY A 290 18.95 6.52 4.80
CA GLY A 290 18.42 6.58 3.43
C GLY A 290 17.74 5.29 3.03
N ALA A 291 17.02 5.32 1.93
CA ALA A 291 16.18 4.19 1.53
C ALA A 291 16.16 4.13 0.03
N GLY A 292 16.19 2.92 -0.52
CA GLY A 292 16.08 2.80 -2.00
C GLY A 292 15.01 1.77 -2.31
N ILE A 293 14.20 2.12 -3.30
CA ILE A 293 13.14 1.20 -3.76
C ILE A 293 13.23 1.08 -5.28
N THR A 294 13.33 -0.15 -5.76
CA THR A 294 13.33 -0.40 -7.20
C THR A 294 12.45 -1.59 -7.51
N SER A 295 12.34 -1.98 -8.78
CA SER A 295 11.59 -3.15 -9.17
C SER A 295 12.32 -3.89 -10.28
N ASP A 296 12.04 -5.19 -10.37
CA ASP A 296 12.78 -6.03 -11.32
C ASP A 296 12.23 -5.95 -12.75
N ALA A 297 10.91 -5.83 -12.91
CA ALA A 297 10.26 -6.22 -14.19
C ALA A 297 10.88 -7.46 -14.86
N PHE A 298 10.86 -8.56 -14.11
CA PHE A 298 11.44 -9.83 -14.57
C PHE A 298 10.37 -10.94 -14.47
N HIS A 299 9.93 -11.21 -13.24
CA HIS A 299 8.98 -12.29 -13.02
C HIS A 299 8.15 -11.95 -11.82
N MET A 300 6.95 -12.49 -11.73
CA MET A 300 6.10 -12.16 -10.60
CA MET A 300 6.07 -12.18 -10.61
C MET A 300 6.55 -12.80 -9.29
N VAL A 301 7.13 -14.00 -9.35
CA VAL A 301 7.37 -14.74 -8.10
C VAL A 301 8.78 -15.34 -8.06
N ALA A 302 9.67 -14.86 -8.91
CA ALA A 302 11.09 -15.23 -8.77
C ALA A 302 11.87 -13.95 -9.00
N PRO A 303 12.93 -13.74 -8.20
CA PRO A 303 13.74 -12.52 -8.38
C PRO A 303 14.66 -12.67 -9.60
N ALA A 304 15.01 -11.57 -10.25
CA ALA A 304 15.96 -11.67 -11.35
C ALA A 304 17.31 -12.24 -10.86
N ALA A 305 17.84 -13.23 -11.58
CA ALA A 305 19.03 -13.93 -11.09
C ALA A 305 20.22 -12.96 -11.03
N ASP A 306 20.24 -11.94 -11.89
CA ASP A 306 21.42 -11.07 -11.93
C ASP A 306 21.54 -10.10 -10.75
N GLY A 307 20.47 -9.98 -9.96
CA GLY A 307 20.54 -9.05 -8.85
C GLY A 307 20.72 -7.58 -9.20
N VAL A 308 20.53 -7.17 -10.46
CA VAL A 308 20.92 -5.83 -10.83
C VAL A 308 20.00 -4.77 -10.25
N ARG A 309 18.69 -4.92 -10.45
CA ARG A 309 17.78 -3.92 -9.86
C ARG A 309 17.75 -4.01 -8.33
N ALA A 310 17.86 -5.22 -7.78
CA ALA A 310 17.96 -5.34 -6.32
C ALA A 310 19.23 -4.64 -5.80
N GLY A 311 20.36 -4.85 -6.47
CA GLY A 311 21.58 -4.11 -6.08
C GLY A 311 21.39 -2.62 -6.25
N ARG A 312 20.63 -2.16 -7.26
CA ARG A 312 20.42 -0.73 -7.41
C ARG A 312 19.58 -0.18 -6.24
N ALA A 313 18.67 -0.95 -5.64
CA ALA A 313 17.99 -0.41 -4.46
C ALA A 313 18.98 -0.19 -3.34
N MET A 314 19.93 -1.13 -3.16
CA MET A 314 20.98 -0.91 -2.15
C MET A 314 21.80 0.34 -2.49
N THR A 315 22.22 0.48 -3.75
CA THR A 315 23.01 1.63 -4.11
C THR A 315 22.24 2.92 -3.93
N ARG A 316 20.96 2.95 -4.30
CA ARG A 316 20.15 4.17 -4.07
C ARG A 316 20.10 4.55 -2.56
N SER A 317 19.97 3.55 -1.67
CA SER A 317 20.01 3.88 -0.23
C SER A 317 21.33 4.52 0.16
N LEU A 318 22.43 4.10 -0.48
CA LEU A 318 23.74 4.69 -0.19
C LEU A 318 23.85 6.10 -0.74
N GLU A 319 23.32 6.30 -1.95
CA GLU A 319 23.35 7.67 -2.56
C GLU A 319 22.60 8.66 -1.68
N LEU A 320 21.44 8.23 -1.15
CA LEU A 320 20.66 9.16 -0.34
C LEU A 320 21.26 9.33 1.05
N ALA A 321 21.95 8.32 1.56
CA ALA A 321 22.65 8.45 2.86
C ALA A 321 23.90 9.31 2.74
N GLY A 322 24.49 9.32 1.55
CA GLY A 322 25.83 9.87 1.32
C GLY A 322 26.98 8.94 1.69
N LEU A 323 26.79 7.65 1.45
CA LEU A 323 27.79 6.64 1.76
C LEU A 323 28.35 6.01 0.50
N SER A 324 29.53 5.40 0.64
CA SER A 324 30.03 4.49 -0.39
CA SER A 324 30.07 4.49 -0.38
C SER A 324 29.89 3.04 0.04
N PRO A 325 29.96 2.12 -0.95
CA PRO A 325 29.79 0.71 -0.59
C PRO A 325 30.81 0.24 0.44
N ALA A 326 32.04 0.74 0.39
CA ALA A 326 33.06 0.31 1.35
C ALA A 326 32.76 0.72 2.79
N ASP A 327 31.83 1.63 2.97
CA ASP A 327 31.40 2.07 4.29
C ASP A 327 30.51 1.04 4.98
N ILE A 328 29.91 0.16 4.19
CA ILE A 328 28.90 -0.75 4.72
C ILE A 328 29.60 -1.92 5.41
N ASP A 329 29.43 -1.98 6.72
CA ASP A 329 30.10 -3.05 7.48
C ASP A 329 29.22 -4.29 7.64
N HIS A 330 27.92 -4.14 7.39
CA HIS A 330 27.00 -5.23 7.69
C HIS A 330 25.83 -5.17 6.72
N VAL A 331 25.44 -6.34 6.20
CA VAL A 331 24.15 -6.41 5.46
C VAL A 331 23.27 -7.44 6.16
N ASN A 332 22.06 -7.00 6.49
CA ASN A 332 21.05 -7.92 7.03
C ASN A 332 20.22 -8.43 5.84
N ALA A 333 20.53 -9.64 5.42
CA ALA A 333 20.02 -10.18 4.14
C ALA A 333 18.54 -10.59 4.31
N HIS A 334 17.78 -10.43 3.21
CA HIS A 334 16.43 -10.97 3.16
C HIS A 334 16.46 -12.49 3.26
N GLY A 335 17.43 -13.15 2.60
CA GLY A 335 17.78 -14.58 2.91
C GLY A 335 16.62 -15.48 3.33
N THR A 336 15.77 -15.81 2.37
CA THR A 336 14.60 -16.66 2.67
C THR A 336 14.89 -18.15 2.76
N ALA A 337 16.04 -18.57 2.24
CA ALA A 337 16.46 -19.99 2.15
C ALA A 337 15.83 -20.71 0.96
N THR A 338 15.21 -19.99 0.02
CA THR A 338 15.00 -20.67 -1.26
C THR A 338 16.31 -20.80 -2.06
N PRO A 339 16.45 -21.90 -2.82
CA PRO A 339 17.61 -21.98 -3.72
C PRO A 339 17.73 -20.72 -4.62
N ILE A 340 16.64 -20.36 -5.27
CA ILE A 340 16.71 -19.26 -6.22
C ILE A 340 16.89 -17.90 -5.58
N GLY A 341 16.21 -17.69 -4.46
CA GLY A 341 16.20 -16.33 -3.88
C GLY A 341 17.52 -15.97 -3.29
N ASP A 342 18.18 -16.93 -2.62
CA ASP A 342 19.42 -16.54 -1.96
C ASP A 342 20.49 -16.29 -3.00
N ALA A 343 20.48 -17.07 -4.10
CA ALA A 343 21.50 -16.86 -5.13
C ALA A 343 21.35 -15.47 -5.76
N ALA A 344 20.09 -15.03 -6.01
CA ALA A 344 19.88 -13.71 -6.56
C ALA A 344 20.35 -12.61 -5.63
N GLU A 345 20.06 -12.78 -4.33
CA GLU A 345 20.47 -11.73 -3.38
C GLU A 345 21.99 -11.67 -3.27
N ALA A 346 22.67 -12.81 -3.34
CA ALA A 346 24.14 -12.73 -3.31
C ALA A 346 24.66 -11.94 -4.52
N ASN A 347 24.05 -12.15 -5.70
CA ASN A 347 24.44 -11.35 -6.85
C ASN A 347 24.10 -9.89 -6.62
N ALA A 348 22.95 -9.58 -6.01
CA ALA A 348 22.58 -8.17 -5.76
C ALA A 348 23.61 -7.49 -4.86
N ILE A 349 24.05 -8.20 -3.81
CA ILE A 349 25.02 -7.62 -2.86
C ILE A 349 26.34 -7.34 -3.59
N ARG A 350 26.75 -8.26 -4.45
CA ARG A 350 27.89 -7.99 -5.33
C ARG A 350 27.68 -6.78 -6.23
N VAL A 351 26.53 -6.69 -6.89
CA VAL A 351 26.26 -5.53 -7.76
C VAL A 351 26.45 -4.23 -7.00
N ALA A 352 25.99 -4.20 -5.75
CA ALA A 352 26.10 -2.99 -4.95
C ALA A 352 27.45 -2.76 -4.32
N GLY A 353 28.39 -3.66 -4.56
CA GLY A 353 29.73 -3.51 -4.00
C GLY A 353 29.81 -3.76 -2.51
N CYS A 354 28.82 -4.48 -1.97
CA CYS A 354 28.70 -4.67 -0.53
C CYS A 354 29.08 -6.10 -0.11
N ASP A 355 29.76 -6.85 -0.98
CA ASP A 355 29.98 -8.28 -0.71
C ASP A 355 31.21 -8.55 0.18
N GLN A 356 31.80 -7.50 0.76
CA GLN A 356 32.75 -7.67 1.87
CA GLN A 356 32.72 -7.76 1.87
C GLN A 356 32.14 -7.24 3.19
N ALA A 357 30.85 -6.92 3.20
CA ALA A 357 30.14 -6.72 4.49
C ALA A 357 29.93 -8.08 5.17
N ALA A 358 29.89 -8.06 6.49
CA ALA A 358 29.47 -9.25 7.26
C ALA A 358 27.95 -9.41 7.09
N VAL A 359 27.49 -10.63 6.75
CA VAL A 359 26.08 -10.80 6.34
C VAL A 359 25.38 -11.65 7.38
N TYR A 360 24.16 -11.23 7.78
CA TYR A 360 23.38 -12.10 8.70
C TYR A 360 22.06 -12.42 7.94
N ALA A 361 21.56 -13.65 8.09
CA ALA A 361 20.24 -13.97 7.53
C ALA A 361 19.32 -14.43 8.69
N PRO A 362 18.57 -13.48 9.30
CA PRO A 362 17.79 -13.79 10.51
C PRO A 362 16.67 -14.78 10.30
N LYS A 363 16.23 -15.01 9.05
CA LYS A 363 15.19 -16.00 8.86
C LYS A 363 15.66 -17.41 9.22
N SER A 364 16.98 -17.59 9.34
CA SER A 364 17.55 -18.87 9.82
C SER A 364 17.06 -19.24 11.21
N ALA A 365 16.76 -18.20 12.01
CA ALA A 365 16.30 -18.43 13.41
C ALA A 365 14.85 -18.03 13.64
N LEU A 366 14.40 -17.00 12.94
CA LEU A 366 13.08 -16.43 13.23
C LEU A 366 12.04 -16.80 12.16
N GLY A 367 12.50 -17.45 11.07
CA GLY A 367 11.58 -17.72 9.95
C GLY A 367 11.07 -16.43 9.28
N HIS A 368 10.09 -16.65 8.42
CA HIS A 368 9.62 -15.63 7.48
C HIS A 368 8.25 -15.17 7.96
N SER A 369 8.11 -13.86 8.22
CA SER A 369 6.84 -13.28 8.62
C SER A 369 6.24 -12.37 7.52
N ILE A 370 6.67 -12.59 6.25
CA ILE A 370 5.91 -12.04 5.10
C ILE A 370 5.80 -10.51 5.24
N GLY A 371 4.61 -9.93 5.39
CA GLY A 371 4.52 -8.45 5.47
C GLY A 371 5.22 -7.79 6.64
N ALA A 372 5.46 -8.51 7.72
CA ALA A 372 6.14 -7.95 8.88
C ALA A 372 7.65 -8.05 8.76
N VAL A 373 8.19 -8.96 7.93
CA VAL A 373 9.54 -9.44 8.21
C VAL A 373 10.57 -8.35 7.95
N GLY A 374 10.32 -7.47 6.98
CA GLY A 374 11.29 -6.40 6.73
C GLY A 374 11.39 -5.44 7.89
N ALA A 375 10.26 -5.23 8.58
CA ALA A 375 10.31 -4.37 9.75
C ALA A 375 11.07 -5.05 10.91
N LEU A 376 10.79 -6.33 11.12
CA LEU A 376 11.52 -7.08 12.18
C LEU A 376 13.01 -6.99 11.87
N GLU A 377 13.41 -7.25 10.61
CA GLU A 377 14.84 -7.32 10.31
C GLU A 377 15.50 -5.93 10.30
N SER A 378 14.70 -4.89 10.10
CA SER A 378 15.22 -3.50 10.29
C SER A 378 15.47 -3.27 11.78
N VAL A 379 14.57 -3.73 12.67
CA VAL A 379 14.84 -3.63 14.08
C VAL A 379 16.14 -4.36 14.47
N LEU A 380 16.30 -5.58 13.94
CA LEU A 380 17.54 -6.32 14.24
C LEU A 380 18.77 -5.55 13.71
N THR A 381 18.69 -4.86 12.56
CA THR A 381 19.83 -4.13 11.99
C THR A 381 20.20 -2.98 12.94
N VAL A 382 19.17 -2.32 13.47
CA VAL A 382 19.37 -1.29 14.49
C VAL A 382 20.09 -1.84 15.72
N LEU A 383 19.65 -3.01 16.21
CA LEU A 383 20.26 -3.59 17.42
C LEU A 383 21.74 -3.96 17.11
N THR A 384 22.04 -4.43 15.91
CA THR A 384 23.44 -4.73 15.59
C THR A 384 24.30 -3.47 15.67
N LEU A 385 23.75 -2.33 15.20
CA LEU A 385 24.53 -1.08 15.27
C LEU A 385 24.68 -0.56 16.70
N ARG A 386 23.58 -0.70 17.44
CA ARG A 386 23.59 -0.24 18.86
C ARG A 386 24.56 -1.06 19.73
N ASP A 387 24.61 -2.36 19.48
CA ASP A 387 25.35 -3.23 20.38
C ASP A 387 26.69 -3.75 19.81
N GLY A 388 26.99 -3.48 18.55
CA GLY A 388 28.29 -3.91 17.98
C GLY A 388 28.39 -5.41 17.77
N VAL A 389 27.27 -6.05 17.42
CA VAL A 389 27.32 -7.54 17.30
C VAL A 389 26.28 -7.99 16.27
N ILE A 390 26.65 -9.03 15.52
CA ILE A 390 25.76 -9.70 14.56
C ILE A 390 25.57 -11.12 15.08
N PRO A 391 24.33 -11.61 15.25
CA PRO A 391 24.14 -13.02 15.67
C PRO A 391 24.57 -14.00 14.57
N PRO A 392 24.83 -15.24 14.95
CA PRO A 392 25.14 -16.26 13.92
C PRO A 392 23.91 -16.62 13.06
N THR A 393 24.18 -16.79 11.77
CA THR A 393 23.13 -17.35 10.88
C THR A 393 23.03 -18.84 11.23
N LEU A 394 21.87 -19.27 11.72
CA LEU A 394 21.76 -20.67 12.06
C LEU A 394 21.80 -21.52 10.79
N ASN A 395 22.29 -22.76 10.99
CA ASN A 395 22.22 -23.83 10.00
C ASN A 395 23.16 -23.64 8.83
N TYR A 396 24.06 -22.66 8.96
CA TYR A 396 25.02 -22.35 7.87
C TYR A 396 26.20 -23.28 8.05
N GLU A 397 26.16 -24.38 7.33
CA GLU A 397 27.11 -25.49 7.58
C GLU A 397 27.95 -25.85 6.37
N THR A 398 27.39 -25.68 5.18
CA THR A 398 28.08 -26.07 3.94
C THR A 398 27.97 -24.90 2.99
N PRO A 399 29.06 -24.15 2.80
CA PRO A 399 29.01 -23.04 1.83
C PRO A 399 28.63 -23.49 0.41
N ASP A 400 27.89 -22.61 -0.26
CA ASP A 400 27.43 -22.80 -1.59
C ASP A 400 28.31 -21.92 -2.49
N PRO A 401 28.98 -22.51 -3.51
CA PRO A 401 29.90 -21.65 -4.26
C PRO A 401 29.26 -20.48 -5.07
N GLU A 402 27.96 -20.53 -5.32
CA GLU A 402 27.23 -19.45 -5.97
CA GLU A 402 27.34 -19.40 -6.01
C GLU A 402 27.10 -18.23 -5.08
N ILE A 403 27.31 -18.43 -3.76
N ILE A 403 27.48 -18.46 -3.83
CA ILE A 403 26.90 -17.41 -2.81
CA ILE A 403 27.41 -17.48 -2.79
C ILE A 403 28.10 -16.46 -2.51
C ILE A 403 28.83 -17.42 -2.27
N ASP A 404 29.20 -17.02 -2.00
N ASP A 404 29.51 -16.33 -2.54
CA ASP A 404 30.47 -16.28 -1.86
CA ASP A 404 30.76 -16.04 -1.86
C ASP A 404 30.34 -14.95 -1.08
C ASP A 404 30.50 -14.86 -0.96
N LEU A 405 29.69 -15.07 0.08
CA LEU A 405 29.44 -13.93 0.99
C LEU A 405 30.12 -14.26 2.34
N ASP A 406 30.37 -13.21 3.13
CA ASP A 406 30.86 -13.40 4.48
C ASP A 406 29.69 -13.63 5.42
N VAL A 407 29.13 -14.85 5.36
CA VAL A 407 27.97 -15.14 6.22
C VAL A 407 28.43 -15.42 7.66
N VAL A 408 27.93 -14.65 8.61
CA VAL A 408 28.32 -14.84 9.99
C VAL A 408 27.66 -16.11 10.53
N ALA A 409 28.46 -16.98 11.11
CA ALA A 409 27.95 -18.27 11.55
C ALA A 409 28.78 -18.78 12.73
N GLY A 410 28.20 -19.73 13.43
CA GLY A 410 28.90 -20.44 14.52
C GLY A 410 28.86 -19.66 15.85
N GLU A 411 29.31 -18.41 15.82
CA GLU A 411 29.13 -17.54 17.00
CA GLU A 411 29.34 -17.51 17.01
C GLU A 411 28.89 -16.14 16.50
N PRO A 412 28.47 -15.25 17.40
CA PRO A 412 28.23 -13.87 16.98
C PRO A 412 29.53 -13.26 16.47
N ARG A 413 29.39 -12.26 15.60
CA ARG A 413 30.52 -11.50 15.10
C ARG A 413 30.49 -10.12 15.75
N TYR A 414 31.50 -9.81 16.52
CA TYR A 414 31.57 -8.50 17.19
C TYR A 414 32.36 -7.51 16.34
N GLY A 415 32.01 -6.23 16.46
CA GLY A 415 32.81 -5.21 15.76
C GLY A 415 32.22 -3.84 16.03
N ASP A 416 32.97 -2.82 15.66
CA ASP A 416 32.47 -1.45 15.72
C ASP A 416 31.75 -1.13 14.43
N TYR A 417 30.55 -1.69 14.26
CA TYR A 417 29.81 -1.51 13.01
C TYR A 417 29.31 -0.06 12.87
N ARG A 418 29.66 0.59 11.76
CA ARG A 418 29.38 2.01 11.56
CA ARG A 418 29.35 2.02 11.59
C ARG A 418 28.10 2.18 10.75
N TYR A 419 27.95 1.35 9.72
CA TYR A 419 26.84 1.50 8.78
C TYR A 419 26.39 0.12 8.36
N ALA A 420 25.10 -0.01 8.11
CA ALA A 420 24.56 -1.32 7.71
C ALA A 420 23.40 -1.10 6.75
N VAL A 421 23.17 -2.10 5.90
CA VAL A 421 21.99 -2.10 5.02
C VAL A 421 21.09 -3.26 5.37
N ASN A 422 19.79 -2.99 5.47
CA ASN A 422 18.82 -4.08 5.55
C ASN A 422 18.15 -4.25 4.18
N ASN A 423 18.17 -5.48 3.67
CA ASN A 423 17.48 -5.79 2.40
C ASN A 423 16.15 -6.48 2.65
N SER A 424 15.16 -6.16 1.80
CA SER A 424 13.92 -6.95 1.75
CA SER A 424 13.92 -6.91 1.76
C SER A 424 13.43 -6.97 0.30
N PHE A 425 12.87 -8.08 -0.12
CA PHE A 425 12.33 -8.24 -1.46
C PHE A 425 10.95 -8.87 -1.39
N GLY A 426 10.13 -8.68 -2.44
CA GLY A 426 8.76 -9.26 -2.40
C GLY A 426 8.31 -9.73 -3.76
N PHE A 427 7.47 -10.74 -3.74
CA PHE A 427 6.74 -11.12 -4.94
C PHE A 427 6.10 -9.88 -5.57
N GLY A 428 6.21 -9.82 -6.88
CA GLY A 428 5.86 -8.62 -7.67
C GLY A 428 7.13 -8.01 -8.22
N GLY A 429 8.28 -8.43 -7.70
CA GLY A 429 9.60 -7.89 -8.10
C GLY A 429 10.07 -6.66 -7.33
N HIS A 430 9.62 -6.50 -6.11
CA HIS A 430 9.90 -5.31 -5.32
C HIS A 430 11.22 -5.47 -4.60
N ASN A 431 12.03 -4.43 -4.63
CA ASN A 431 13.34 -4.44 -3.93
C ASN A 431 13.39 -3.21 -3.01
N VAL A 432 13.68 -3.44 -1.70
CA VAL A 432 13.76 -2.31 -0.76
C VAL A 432 15.06 -2.47 0.00
N ALA A 433 15.82 -1.37 0.12
CA ALA A 433 17.02 -1.40 0.94
C ALA A 433 16.99 -0.18 1.85
N LEU A 434 17.33 -0.41 3.11
CA LEU A 434 17.39 0.69 4.10
C LEU A 434 18.80 0.81 4.65
N ALA A 435 19.33 2.04 4.63
CA ALA A 435 20.67 2.26 5.18
C ALA A 435 20.60 2.88 6.54
N PHE A 436 21.21 2.20 7.51
CA PHE A 436 21.22 2.68 8.90
C PHE A 436 22.65 2.97 9.33
N GLY A 437 22.79 3.82 10.36
CA GLY A 437 24.11 4.07 10.93
C GLY A 437 24.08 4.04 12.42
N ARG A 438 25.25 3.78 12.97
CA ARG A 438 25.44 3.87 14.42
C ARG A 438 25.18 5.31 14.87
N TYR A 439 24.51 5.43 16.02
CA TYR A 439 24.37 6.73 16.67
C TYR A 439 25.52 6.85 17.68
N PRO B 27 10.89 25.09 -1.29
CA PRO B 27 10.80 24.28 -2.53
C PRO B 27 9.36 23.97 -2.97
N SER B 28 9.01 24.47 -4.15
CA SER B 28 7.69 24.28 -4.72
C SER B 28 7.84 24.06 -6.22
N THR B 29 6.76 23.61 -6.84
CA THR B 29 6.75 23.60 -8.29
C THR B 29 6.93 24.98 -8.92
N ALA B 30 6.23 25.96 -8.34
CA ALA B 30 6.28 27.31 -8.91
C ALA B 30 7.67 27.90 -8.84
N ASN B 31 8.42 27.61 -7.77
CA ASN B 31 9.70 28.29 -7.55
C ASN B 31 10.85 27.47 -8.16
N GLY B 32 10.49 26.35 -8.77
CA GLY B 32 11.45 25.52 -9.49
C GLY B 32 12.21 24.57 -8.57
N GLY B 33 11.79 24.51 -7.30
CA GLY B 33 12.42 23.63 -6.35
C GLY B 33 12.11 22.16 -6.64
N PHE B 34 10.97 21.92 -7.28
CA PHE B 34 10.64 20.59 -7.81
C PHE B 34 10.61 20.67 -9.33
N PRO B 35 10.97 19.57 -10.03
CA PRO B 35 10.79 19.58 -11.48
C PRO B 35 9.32 19.66 -11.88
N SER B 36 9.07 20.20 -13.07
CA SER B 36 7.74 20.24 -13.62
C SER B 36 7.33 18.83 -14.07
N VAL B 37 6.13 18.42 -13.68
CA VAL B 37 5.58 17.07 -13.91
C VAL B 37 4.29 17.30 -14.68
N VAL B 38 4.14 16.60 -15.80
CA VAL B 38 2.97 16.76 -16.65
C VAL B 38 2.27 15.44 -16.88
N VAL B 39 0.95 15.53 -17.10
CA VAL B 39 0.14 14.35 -17.44
C VAL B 39 0.09 14.22 -18.96
N THR B 40 0.52 13.09 -19.52
CA THR B 40 0.65 12.97 -20.98
C THR B 40 -0.29 11.94 -21.62
N ALA B 41 -1.01 11.17 -20.79
CA ALA B 41 -2.03 10.23 -21.29
C ALA B 41 -2.91 9.80 -20.14
N VAL B 42 -4.18 9.55 -20.47
CA VAL B 42 -5.15 9.03 -19.49
C VAL B 42 -5.97 7.89 -20.11
N THR B 43 -6.44 6.96 -19.28
CA THR B 43 -7.32 5.86 -19.70
CA THR B 43 -7.34 5.89 -19.69
C THR B 43 -8.26 5.58 -18.55
N ALA B 44 -9.50 5.24 -18.87
CA ALA B 44 -10.40 4.76 -17.82
C ALA B 44 -11.50 3.94 -18.42
N THR B 45 -12.05 3.06 -17.58
CA THR B 45 -13.27 2.36 -17.97
C THR B 45 -14.32 2.64 -16.92
N THR B 46 -15.54 2.96 -17.35
CA THR B 46 -16.55 3.44 -16.40
C THR B 46 -17.92 2.82 -16.72
N SER B 47 -18.90 3.15 -15.88
CA SER B 47 -20.27 2.75 -16.17
C SER B 47 -20.93 3.48 -17.34
N ILE B 48 -20.28 4.54 -17.84
CA ILE B 48 -20.77 5.22 -19.03
C ILE B 48 -20.16 4.66 -20.32
N SER B 49 -18.85 4.35 -20.28
CA SER B 49 -18.12 3.96 -21.49
CA SER B 49 -18.20 3.82 -21.47
C SER B 49 -16.81 3.29 -21.15
N PRO B 50 -16.25 2.46 -22.06
CA PRO B 50 -14.85 2.03 -21.85
C PRO B 50 -13.85 3.07 -22.32
N ASP B 51 -14.34 4.10 -22.98
CA ASP B 51 -13.50 5.10 -23.67
CA ASP B 51 -13.48 5.09 -23.66
C ASP B 51 -13.60 6.38 -22.86
N ILE B 52 -12.51 6.83 -22.23
CA ILE B 52 -12.58 8.02 -21.34
C ILE B 52 -13.07 9.25 -22.11
N GLU B 53 -12.74 9.39 -23.40
CA GLU B 53 -13.26 10.58 -24.12
C GLU B 53 -14.78 10.52 -24.28
N SER B 54 -15.31 9.30 -24.41
CA SER B 54 -16.76 9.15 -24.51
C SER B 54 -17.43 9.27 -23.14
N THR B 55 -16.77 8.80 -22.09
CA THR B 55 -17.29 9.05 -20.75
C THR B 55 -17.40 10.55 -20.52
N TRP B 56 -16.35 11.28 -20.93
CA TRP B 56 -16.29 12.73 -20.74
C TRP B 56 -17.41 13.45 -21.50
N LYS B 57 -17.63 13.06 -22.75
CA LYS B 57 -18.71 13.69 -23.55
C LYS B 57 -20.07 13.36 -22.91
N GLY B 58 -20.18 12.14 -22.39
CA GLY B 58 -21.42 11.71 -21.73
C GLY B 58 -21.72 12.47 -20.43
N LEU B 59 -20.65 12.75 -19.68
CA LEU B 59 -20.82 13.52 -18.45
C LEU B 59 -21.29 14.92 -18.79
N LEU B 60 -20.65 15.52 -19.80
CA LEU B 60 -21.00 16.89 -20.19
C LEU B 60 -22.45 17.02 -20.69
N ALA B 61 -22.94 15.93 -21.26
CA ALA B 61 -24.31 15.82 -21.77
C ALA B 61 -25.32 15.50 -20.67
N GLY B 62 -24.84 15.33 -19.44
CA GLY B 62 -25.72 15.06 -18.31
C GLY B 62 -26.08 13.61 -18.15
N GLU B 63 -25.27 12.73 -18.75
CA GLU B 63 -25.55 11.30 -18.62
C GLU B 63 -25.17 10.74 -17.23
N SER B 64 -25.91 9.71 -16.83
CA SER B 64 -25.61 8.92 -15.63
C SER B 64 -25.28 7.49 -15.99
N GLY B 65 -24.33 6.88 -15.27
CA GLY B 65 -24.00 5.47 -15.47
C GLY B 65 -24.76 4.55 -14.55
N ILE B 66 -25.66 5.10 -13.73
CA ILE B 66 -26.30 4.30 -12.67
C ILE B 66 -27.65 3.73 -13.17
N HIS B 67 -27.87 2.45 -12.92
CA HIS B 67 -29.11 1.78 -13.40
CA HIS B 67 -28.98 1.65 -13.46
C HIS B 67 -29.61 0.79 -12.34
N ALA B 68 -30.81 0.25 -12.57
CA ALA B 68 -31.22 -0.90 -11.75
C ALA B 68 -30.24 -2.05 -11.97
N LEU B 69 -29.85 -2.70 -10.87
CA LEU B 69 -29.02 -3.90 -11.01
C LEU B 69 -29.84 -5.10 -11.47
N GLU B 70 -29.44 -5.73 -12.57
CA GLU B 70 -30.23 -6.87 -13.03
CA GLU B 70 -30.12 -6.88 -13.17
C GLU B 70 -29.62 -8.22 -12.65
N ASP B 71 -28.57 -8.18 -11.85
CA ASP B 71 -27.91 -9.42 -11.44
C ASP B 71 -28.83 -10.33 -10.65
N GLU B 72 -28.66 -11.63 -10.88
CA GLU B 72 -29.46 -12.58 -10.13
CA GLU B 72 -29.37 -12.65 -10.13
C GLU B 72 -29.12 -12.51 -8.65
N PHE B 73 -27.90 -12.10 -8.30
CA PHE B 73 -27.58 -12.06 -6.86
C PHE B 73 -28.45 -11.07 -6.07
N VAL B 74 -29.04 -10.10 -6.76
CA VAL B 74 -29.88 -9.12 -6.08
C VAL B 74 -31.17 -9.79 -5.62
N THR B 75 -31.80 -10.57 -6.51
CA THR B 75 -33.02 -11.25 -6.10
C THR B 75 -32.72 -12.48 -5.23
N LYS B 76 -31.57 -13.13 -5.44
CA LYS B 76 -31.22 -14.27 -4.59
C LYS B 76 -31.20 -13.90 -3.10
N TRP B 77 -30.56 -12.77 -2.80
CA TRP B 77 -30.41 -12.32 -1.43
C TRP B 77 -31.43 -11.28 -1.00
N ASP B 78 -32.32 -10.87 -1.92
CA ASP B 78 -33.22 -9.73 -1.70
C ASP B 78 -32.45 -8.57 -1.08
N LEU B 79 -31.38 -8.16 -1.77
CA LEU B 79 -30.58 -7.04 -1.27
C LEU B 79 -31.36 -5.72 -1.15
N ALA B 80 -31.07 -4.99 -0.07
CA ALA B 80 -31.70 -3.69 0.19
C ALA B 80 -31.31 -2.69 -0.89
N VAL B 81 -30.09 -2.82 -1.42
CA VAL B 81 -29.60 -1.95 -2.47
C VAL B 81 -29.72 -2.67 -3.81
N LYS B 82 -30.45 -2.06 -4.75
CA LYS B 82 -30.79 -2.71 -6.02
C LYS B 82 -30.38 -1.84 -7.22
N ILE B 83 -29.39 -0.98 -6.99
CA ILE B 83 -28.95 0.01 -7.99
C ILE B 83 -27.42 0.08 -8.00
N GLY B 84 -26.88 0.51 -9.14
CA GLY B 84 -25.42 0.69 -9.25
C GLY B 84 -25.04 0.82 -10.72
N GLY B 85 -23.75 1.09 -10.96
CA GLY B 85 -23.31 1.17 -12.37
C GLY B 85 -22.25 0.13 -12.65
N HIS B 86 -22.63 -0.95 -13.33
CA HIS B 86 -21.59 -1.87 -13.84
C HIS B 86 -20.86 -1.19 -14.99
N LEU B 87 -19.63 -1.63 -15.26
CA LEU B 87 -18.94 -1.11 -16.44
C LEU B 87 -19.79 -1.28 -17.68
N LYS B 88 -19.75 -0.25 -18.53
CA LYS B 88 -20.46 -0.34 -19.82
CA LYS B 88 -20.45 -0.33 -19.83
C LYS B 88 -19.91 -1.51 -20.66
N ASP B 89 -18.60 -1.69 -20.59
CA ASP B 89 -17.94 -2.78 -21.32
C ASP B 89 -17.18 -3.61 -20.28
N PRO B 90 -17.66 -4.81 -19.97
CA PRO B 90 -16.99 -5.60 -18.92
C PRO B 90 -15.53 -5.88 -19.28
N VAL B 91 -14.67 -5.83 -18.28
CA VAL B 91 -13.27 -6.21 -18.44
C VAL B 91 -13.08 -7.55 -19.11
N ASP B 92 -13.88 -8.53 -18.71
CA ASP B 92 -13.64 -9.88 -19.18
C ASP B 92 -14.16 -10.10 -20.62
N SER B 93 -14.79 -9.10 -21.24
CA SER B 93 -15.07 -9.24 -22.68
CA SER B 93 -15.07 -9.21 -22.69
C SER B 93 -13.77 -9.16 -23.46
N HIS B 94 -12.71 -8.74 -22.77
CA HIS B 94 -11.39 -8.62 -23.40
C HIS B 94 -10.41 -9.71 -22.95
N MET B 95 -10.86 -10.64 -22.13
CA MET B 95 -9.97 -11.64 -21.53
C MET B 95 -10.32 -13.07 -22.03
N GLY B 96 -9.32 -13.89 -22.29
CA GLY B 96 -9.59 -15.33 -22.52
C GLY B 96 -9.72 -16.16 -21.24
N ARG B 97 -10.09 -17.42 -21.38
CA ARG B 97 -10.18 -18.31 -20.21
C ARG B 97 -8.83 -18.44 -19.47
N LEU B 98 -7.69 -18.40 -20.17
CA LEU B 98 -6.41 -18.57 -19.46
C LEU B 98 -6.12 -17.38 -18.53
N ASP B 99 -6.27 -16.14 -19.03
CA ASP B 99 -6.11 -15.02 -18.10
C ASP B 99 -7.20 -15.05 -17.05
N MET B 100 -8.39 -15.54 -17.43
CA MET B 100 -9.49 -15.49 -16.48
CA MET B 100 -9.54 -15.62 -16.54
C MET B 100 -9.28 -16.51 -15.35
N ARG B 101 -8.38 -17.46 -15.54
CA ARG B 101 -8.07 -18.43 -14.51
C ARG B 101 -6.76 -18.15 -13.78
N ARG B 102 -5.87 -17.32 -14.36
CA ARG B 102 -4.49 -17.11 -13.89
C ARG B 102 -4.12 -15.66 -13.37
N MET B 103 -5.13 -14.78 -13.43
CA MET B 103 -5.06 -13.42 -12.89
C MET B 103 -6.31 -13.16 -12.06
N SER B 104 -6.22 -12.40 -10.95
CA SER B 104 -7.44 -11.94 -10.30
C SER B 104 -8.13 -10.87 -11.16
N TYR B 105 -9.35 -10.48 -10.77
CA TYR B 105 -10.08 -9.52 -11.57
C TYR B 105 -9.36 -8.18 -11.60
N VAL B 106 -8.83 -7.73 -10.46
CA VAL B 106 -8.14 -6.40 -10.51
C VAL B 106 -6.85 -6.47 -11.31
N GLN B 107 -6.19 -7.64 -11.37
CA GLN B 107 -5.06 -7.80 -12.29
C GLN B 107 -5.50 -7.73 -13.74
N ARG B 108 -6.63 -8.36 -14.08
CA ARG B 108 -7.13 -8.30 -15.47
C ARG B 108 -7.47 -6.85 -15.82
N MET B 109 -8.13 -6.13 -14.90
CA MET B 109 -8.45 -4.72 -15.15
C MET B 109 -7.13 -3.94 -15.34
N GLY B 110 -6.13 -4.22 -14.51
CA GLY B 110 -4.87 -3.46 -14.62
C GLY B 110 -4.14 -3.74 -15.94
N LYS B 111 -4.11 -5.00 -16.38
CA LYS B 111 -3.49 -5.32 -17.67
C LYS B 111 -4.25 -4.62 -18.82
N LEU B 112 -5.58 -4.67 -18.79
CA LEU B 112 -6.39 -4.05 -19.85
C LEU B 112 -6.07 -2.53 -19.90
N LEU B 113 -6.13 -1.88 -18.73
CA LEU B 113 -5.96 -0.41 -18.74
C LEU B 113 -4.51 -0.04 -19.04
N GLY B 114 -3.54 -0.81 -18.51
CA GLY B 114 -2.14 -0.44 -18.71
C GLY B 114 -1.80 -0.53 -20.19
N GLY B 115 -2.31 -1.56 -20.87
CA GLY B 115 -1.99 -1.66 -22.30
C GLY B 115 -2.68 -0.55 -23.12
N GLN B 116 -3.90 -0.18 -22.74
CA GLN B 116 -4.61 0.90 -23.41
C GLN B 116 -3.90 2.23 -23.21
N LEU B 117 -3.47 2.46 -21.97
CA LEU B 117 -2.75 3.71 -21.70
C LEU B 117 -1.44 3.78 -22.48
N TRP B 118 -0.68 2.69 -22.50
CA TRP B 118 0.61 2.75 -23.15
C TRP B 118 0.40 3.01 -24.65
N GLU B 119 -0.60 2.37 -25.26
CA GLU B 119 -0.92 2.62 -26.66
CA GLU B 119 -0.93 2.62 -26.65
C GLU B 119 -1.33 4.08 -26.88
N SER B 120 -2.15 4.63 -25.99
CA SER B 120 -2.56 6.03 -26.13
C SER B 120 -1.37 6.99 -26.05
N ALA B 121 -0.34 6.62 -25.28
CA ALA B 121 0.88 7.39 -25.08
C ALA B 121 1.84 7.27 -26.28
N GLY B 122 1.49 6.43 -27.25
CA GLY B 122 2.36 6.24 -28.41
C GLY B 122 3.40 5.15 -28.17
N SER B 123 3.14 4.26 -27.21
CA SER B 123 4.04 3.16 -26.84
C SER B 123 5.50 3.57 -26.73
N PRO B 124 5.78 4.55 -25.87
CA PRO B 124 7.13 5.12 -25.84
C PRO B 124 8.16 4.10 -25.39
N GLU B 125 9.38 4.24 -25.90
CA GLU B 125 10.48 3.40 -25.44
C GLU B 125 11.22 4.19 -24.35
N VAL B 126 10.77 4.02 -23.12
CA VAL B 126 11.37 4.80 -22.03
C VAL B 126 12.53 3.99 -21.43
N ASP B 127 13.33 4.64 -20.59
CA ASP B 127 14.35 3.93 -19.83
C ASP B 127 13.67 3.15 -18.70
N PRO B 128 13.68 1.80 -18.72
CA PRO B 128 12.98 1.04 -17.67
C PRO B 128 13.45 1.45 -16.28
N ASP B 129 14.72 1.81 -16.18
CA ASP B 129 15.30 2.11 -14.88
C ASP B 129 14.87 3.48 -14.34
N ARG B 130 14.14 4.24 -15.17
CA ARG B 130 13.60 5.52 -14.70
C ARG B 130 12.09 5.52 -14.78
N PHE B 131 11.47 4.32 -14.84
CA PHE B 131 10.01 4.18 -15.05
C PHE B 131 9.42 3.43 -13.88
N ALA B 132 8.47 4.09 -13.20
CA ALA B 132 7.85 3.52 -11.97
C ALA B 132 6.36 3.31 -12.24
N VAL B 133 5.76 2.41 -11.44
CA VAL B 133 4.29 2.20 -11.43
C VAL B 133 3.79 2.41 -10.01
N VAL B 134 2.69 3.15 -9.86
CA VAL B 134 2.04 3.30 -8.53
C VAL B 134 0.56 3.12 -8.78
N VAL B 135 0.02 2.01 -8.31
CA VAL B 135 -1.43 1.74 -8.56
C VAL B 135 -2.09 1.26 -7.29
N GLY B 136 -3.07 2.01 -6.82
CA GLY B 136 -3.80 1.64 -5.61
C GLY B 136 -5.02 0.79 -5.90
N THR B 137 -5.51 0.10 -4.87
CA THR B 137 -6.74 -0.66 -4.94
C THR B 137 -7.26 -0.82 -3.51
N GLY B 138 -8.55 -1.07 -3.32
CA GLY B 138 -9.08 -1.16 -1.95
C GLY B 138 -8.71 -2.45 -1.27
N LEU B 139 -8.67 -3.56 -2.01
CA LEU B 139 -8.52 -4.88 -1.37
C LEU B 139 -7.57 -5.83 -2.05
N GLY B 140 -7.74 -6.00 -3.35
CA GLY B 140 -6.88 -6.96 -4.07
C GLY B 140 -7.69 -8.10 -4.67
N GLY B 141 -7.05 -9.26 -4.86
CA GLY B 141 -7.65 -10.40 -5.58
C GLY B 141 -8.45 -11.24 -4.62
N ALA B 142 -9.42 -10.60 -3.95
CA ALA B 142 -10.10 -11.27 -2.85
C ALA B 142 -11.01 -12.39 -3.31
N GLU B 143 -11.49 -12.39 -4.55
CA GLU B 143 -12.31 -13.54 -4.98
C GLU B 143 -11.47 -14.79 -4.95
N ARG B 144 -10.14 -14.68 -5.13
CA ARG B 144 -9.31 -15.87 -5.14
C ARG B 144 -9.08 -16.35 -3.69
N ILE B 145 -9.24 -15.47 -2.70
CA ILE B 145 -9.25 -15.95 -1.30
C ILE B 145 -10.44 -16.87 -0.99
N VAL B 146 -11.64 -16.44 -1.36
CA VAL B 146 -12.80 -17.30 -1.04
C VAL B 146 -12.77 -18.53 -1.96
N GLU B 147 -12.25 -18.40 -3.18
CA GLU B 147 -12.13 -19.54 -4.09
CA GLU B 147 -12.19 -19.56 -4.06
C GLU B 147 -11.19 -20.60 -3.54
N SER B 148 -10.05 -20.15 -3.02
CA SER B 148 -9.02 -21.07 -2.53
CA SER B 148 -9.04 -21.09 -2.54
C SER B 148 -9.54 -21.76 -1.26
N TYR B 149 -10.22 -20.99 -0.42
CA TYR B 149 -10.87 -21.52 0.77
C TYR B 149 -11.88 -22.62 0.44
N ASP B 150 -12.75 -22.35 -0.53
CA ASP B 150 -13.71 -23.38 -0.97
C ASP B 150 -13.02 -24.60 -1.56
N LEU B 151 -12.01 -24.37 -2.38
CA LEU B 151 -11.30 -25.50 -3.01
C LEU B 151 -10.65 -26.39 -1.99
N MET B 152 -10.03 -25.78 -0.98
CA MET B 152 -9.36 -26.58 0.03
C MET B 152 -10.37 -27.29 0.91
N ASN B 153 -11.42 -26.58 1.27
CA ASN B 153 -12.47 -27.27 2.07
C ASN B 153 -13.06 -28.47 1.37
N ALA B 154 -13.18 -28.40 0.05
CA ALA B 154 -13.76 -29.49 -0.72
C ALA B 154 -12.76 -30.61 -1.00
N GLY B 155 -11.49 -30.28 -1.20
CA GLY B 155 -10.57 -31.26 -1.80
C GLY B 155 -9.18 -31.32 -1.18
N GLY B 156 -8.94 -30.50 -0.15
CA GLY B 156 -7.67 -30.52 0.56
C GLY B 156 -6.67 -29.50 0.04
N PRO B 157 -5.52 -29.42 0.70
CA PRO B 157 -4.58 -28.33 0.45
C PRO B 157 -4.02 -28.37 -0.96
N ARG B 158 -3.88 -29.56 -1.58
CA ARG B 158 -3.24 -29.56 -2.90
CA ARG B 158 -3.28 -29.66 -2.90
C ARG B 158 -4.18 -29.17 -4.04
N LYS B 159 -5.42 -28.79 -3.69
CA LYS B 159 -6.32 -28.23 -4.68
C LYS B 159 -6.23 -26.72 -4.74
N VAL B 160 -5.42 -26.09 -3.87
CA VAL B 160 -5.23 -24.63 -4.01
C VAL B 160 -4.31 -24.34 -5.19
N SER B 161 -4.63 -23.30 -5.97
CA SER B 161 -3.81 -23.00 -7.14
C SER B 161 -2.38 -22.64 -6.79
N PRO B 162 -1.42 -23.10 -7.61
CA PRO B 162 -0.06 -22.60 -7.45
C PRO B 162 0.15 -21.13 -7.79
N LEU B 163 -0.88 -20.49 -8.37
CA LEU B 163 -0.88 -19.07 -8.68
C LEU B 163 -1.69 -18.28 -7.69
N ALA B 164 -2.23 -18.94 -6.65
CA ALA B 164 -3.14 -18.21 -5.73
C ALA B 164 -2.46 -17.06 -5.01
N VAL B 165 -1.24 -17.22 -4.49
CA VAL B 165 -0.64 -16.11 -3.77
C VAL B 165 -0.46 -14.87 -4.65
N GLN B 166 0.03 -15.08 -5.86
CA GLN B 166 0.31 -13.93 -6.70
C GLN B 166 -0.95 -13.27 -7.26
N MET B 167 -2.07 -13.98 -7.30
CA MET B 167 -3.33 -13.38 -7.69
C MET B 167 -3.94 -12.65 -6.51
N ILE B 168 -3.76 -13.15 -5.29
CA ILE B 168 -4.43 -12.55 -4.11
C ILE B 168 -3.75 -11.26 -3.65
N MET B 169 -2.42 -11.28 -3.65
CA MET B 169 -1.65 -10.22 -2.96
C MET B 169 -2.12 -8.85 -3.49
N PRO B 170 -2.30 -7.88 -2.59
CA PRO B 170 -2.92 -6.62 -3.07
C PRO B 170 -2.04 -5.79 -4.00
N ASN B 171 -0.72 -6.03 -3.95
CA ASN B 171 0.16 -5.42 -4.94
C ASN B 171 0.15 -6.09 -6.32
N GLY B 172 -0.73 -7.09 -6.46
CA GLY B 172 -0.76 -7.88 -7.70
C GLY B 172 -1.08 -7.06 -8.95
N ALA B 173 -2.06 -6.17 -8.88
CA ALA B 173 -2.38 -5.39 -10.09
C ALA B 173 -1.24 -4.46 -10.51
N ALA B 174 -0.69 -3.73 -9.53
CA ALA B 174 0.45 -2.88 -9.88
C ALA B 174 1.60 -3.71 -10.42
N ALA B 175 1.83 -4.88 -9.84
CA ALA B 175 2.94 -5.72 -10.29
C ALA B 175 2.69 -6.26 -11.69
N VAL B 176 1.46 -6.58 -12.04
CA VAL B 176 1.17 -7.01 -13.43
C VAL B 176 1.50 -5.87 -14.39
N ILE B 177 1.08 -4.63 -14.02
CA ILE B 177 1.33 -3.52 -14.93
C ILE B 177 2.84 -3.26 -15.04
N GLY B 178 3.54 -3.34 -13.90
CA GLY B 178 4.99 -3.15 -13.95
C GLY B 178 5.73 -4.18 -14.78
N LEU B 179 5.30 -5.43 -14.74
CA LEU B 179 5.92 -6.46 -15.55
CA LEU B 179 5.88 -6.49 -15.56
C LEU B 179 5.57 -6.30 -17.03
N GLN B 180 4.31 -5.99 -17.33
CA GLN B 180 3.79 -5.79 -18.69
CA GLN B 180 3.93 -5.89 -18.74
C GLN B 180 4.55 -4.69 -19.39
N LEU B 181 4.67 -3.58 -18.66
CA LEU B 181 5.23 -2.38 -19.35
C LEU B 181 6.73 -2.19 -19.11
N GLY B 182 7.30 -2.93 -18.16
CA GLY B 182 8.74 -2.91 -18.00
C GLY B 182 9.26 -1.88 -17.01
N ALA B 183 8.55 -1.65 -15.92
CA ALA B 183 8.95 -0.61 -14.98
C ALA B 183 9.95 -1.15 -13.94
N ARG B 184 11.14 -0.54 -13.90
CA ARG B 184 12.23 -0.98 -13.04
CA ARG B 184 12.18 -1.02 -12.99
C ARG B 184 12.60 0.02 -11.97
N ALA B 185 11.88 1.15 -11.89
CA ALA B 185 12.18 2.18 -10.88
C ALA B 185 11.23 2.14 -9.70
N GLY B 186 10.56 1.02 -9.50
CA GLY B 186 9.67 0.82 -8.36
C GLY B 186 8.23 0.55 -8.80
N VAL B 187 7.61 -0.36 -8.10
CA VAL B 187 6.18 -0.69 -8.29
C VAL B 187 5.52 -0.67 -6.92
N MET B 188 4.65 0.32 -6.73
CA MET B 188 4.13 0.63 -5.40
CA MET B 188 4.11 0.59 -5.41
C MET B 188 2.61 0.55 -5.43
N THR B 189 2.05 0.05 -4.32
CA THR B 189 0.60 -0.08 -4.09
C THR B 189 0.29 0.55 -2.72
N PRO B 190 -0.17 1.79 -2.71
CA PRO B 190 -0.62 2.37 -1.44
C PRO B 190 -2.08 2.03 -1.26
N VAL B 191 -2.42 1.59 -0.06
CA VAL B 191 -3.81 1.21 0.22
CA VAL B 191 -3.81 1.25 0.18
C VAL B 191 -4.36 2.19 1.26
N SER B 192 -5.42 2.88 0.89
CA SER B 192 -6.04 3.81 1.83
C SER B 192 -7.55 3.82 1.54
N ALA B 193 -8.10 2.63 1.30
CA ALA B 193 -9.55 2.54 1.04
C ALA B 193 -9.98 3.51 -0.07
N GLN B 194 -11.00 4.35 0.14
CA GLN B 194 -11.53 5.18 -0.97
C GLN B 194 -10.62 6.31 -1.43
N SER B 195 -9.45 6.52 -0.76
CA SER B 195 -8.51 7.48 -1.33
C SER B 195 -7.34 6.83 -2.04
N SER B 196 -7.36 5.52 -2.21
CA SER B 196 -6.17 4.84 -2.75
C SER B 196 -5.78 5.29 -4.15
N GLY B 197 -6.76 5.57 -4.99
CA GLY B 197 -6.46 5.89 -6.42
C GLY B 197 -5.75 7.23 -6.52
N SER B 198 -6.18 8.20 -5.71
CA SER B 198 -5.50 9.50 -5.58
CA SER B 198 -5.42 9.46 -5.73
C SER B 198 -4.15 9.43 -4.86
N GLU B 199 -4.09 8.60 -3.83
CA GLU B 199 -2.84 8.43 -3.13
C GLU B 199 -1.77 7.89 -4.04
N ALA B 200 -2.15 6.99 -4.96
CA ALA B 200 -1.16 6.43 -5.88
C ALA B 200 -0.56 7.51 -6.76
N ILE B 201 -1.42 8.41 -7.23
CA ILE B 201 -0.89 9.51 -8.05
C ILE B 201 0.02 10.43 -7.20
N ALA B 202 -0.37 10.73 -5.96
CA ALA B 202 0.48 11.49 -5.04
C ALA B 202 1.86 10.85 -4.92
N HIS B 203 1.90 9.55 -4.67
CA HIS B 203 3.22 8.92 -4.49
C HIS B 203 4.00 8.89 -5.78
N ALA B 204 3.35 8.69 -6.92
CA ALA B 204 4.09 8.72 -8.19
C ALA B 204 4.70 10.11 -8.41
N TRP B 205 3.97 11.17 -8.07
CA TRP B 205 4.52 12.53 -8.17
C TRP B 205 5.72 12.65 -7.21
N ARG B 206 5.62 12.13 -5.99
CA ARG B 206 6.77 12.19 -5.06
C ARG B 206 7.98 11.45 -5.62
N GLN B 207 7.76 10.31 -6.27
CA GLN B 207 8.85 9.48 -6.80
CA GLN B 207 8.91 9.56 -6.75
C GLN B 207 9.61 10.26 -7.88
N ILE B 208 8.86 11.04 -8.66
CA ILE B 208 9.52 11.78 -9.72
C ILE B 208 10.24 12.97 -9.11
N VAL B 209 9.55 13.73 -8.27
CA VAL B 209 10.20 14.93 -7.72
C VAL B 209 11.40 14.62 -6.82
N MET B 210 11.47 13.45 -6.20
CA MET B 210 12.59 13.02 -5.36
CA MET B 210 12.65 13.15 -5.39
C MET B 210 13.74 12.47 -6.20
N GLY B 211 13.49 12.30 -7.52
CA GLY B 211 14.56 11.83 -8.41
C GLY B 211 14.68 10.34 -8.65
N ASP B 212 13.67 9.60 -8.21
CA ASP B 212 13.78 8.15 -8.39
CA ASP B 212 13.62 8.13 -8.29
C ASP B 212 13.15 7.64 -9.67
N ALA B 213 12.47 8.53 -10.40
CA ALA B 213 11.89 8.14 -11.71
C ALA B 213 11.69 9.40 -12.52
N ASP B 214 11.61 9.23 -13.84
CA ASP B 214 11.26 10.31 -14.76
C ASP B 214 9.87 10.16 -15.35
N VAL B 215 9.25 8.97 -15.22
CA VAL B 215 7.99 8.66 -15.85
C VAL B 215 7.30 7.63 -15.01
N ALA B 216 5.99 7.74 -14.87
CA ALA B 216 5.26 6.80 -13.99
C ALA B 216 3.87 6.55 -14.55
N VAL B 217 3.44 5.30 -14.48
CA VAL B 217 2.04 4.97 -14.67
C VAL B 217 1.40 4.93 -13.31
N CYS B 218 0.27 5.61 -13.13
CA CYS B 218 -0.33 5.62 -11.79
C CYS B 218 -1.84 5.73 -11.86
N GLY B 219 -2.47 5.29 -10.78
CA GLY B 219 -3.96 5.38 -10.71
C GLY B 219 -4.50 4.29 -9.81
N GLY B 220 -5.65 3.75 -10.19
CA GLY B 220 -6.31 2.77 -9.27
C GLY B 220 -7.20 1.85 -10.07
N VAL B 221 -7.37 0.64 -9.52
CA VAL B 221 -8.30 -0.35 -10.05
C VAL B 221 -9.11 -0.88 -8.88
N GLU B 222 -10.26 -1.50 -9.21
CA GLU B 222 -11.14 -2.00 -8.16
C GLU B 222 -12.05 -3.05 -8.77
N GLY B 223 -12.53 -3.91 -7.88
CA GLY B 223 -13.42 -5.03 -8.31
C GLY B 223 -14.81 -4.56 -8.67
N PRO B 224 -15.61 -5.49 -9.19
CA PRO B 224 -16.98 -5.18 -9.63
C PRO B 224 -17.98 -5.21 -8.48
N ILE B 225 -19.20 -4.73 -8.76
CA ILE B 225 -20.28 -4.81 -7.80
C ILE B 225 -20.64 -6.29 -7.64
N GLU B 226 -20.71 -6.78 -6.40
CA GLU B 226 -21.11 -8.15 -6.11
C GLU B 226 -21.87 -8.15 -4.78
N ALA B 227 -22.47 -9.31 -4.50
CA ALA B 227 -23.43 -9.39 -3.39
C ALA B 227 -22.76 -9.14 -2.02
N LEU B 228 -21.57 -9.74 -1.79
CA LEU B 228 -20.92 -9.58 -0.49
C LEU B 228 -20.39 -8.15 -0.23
N PRO B 229 -19.78 -7.50 -1.25
CA PRO B 229 -19.47 -6.07 -1.08
C PRO B 229 -20.71 -5.22 -0.81
N ILE B 230 -21.80 -5.49 -1.53
CA ILE B 230 -23.01 -4.73 -1.23
C ILE B 230 -23.47 -4.97 0.21
N ALA B 231 -23.53 -6.22 0.66
CA ALA B 231 -23.98 -6.50 2.04
C ALA B 231 -23.09 -5.76 3.06
N ALA B 232 -21.78 -5.84 2.88
CA ALA B 232 -20.87 -5.22 3.85
C ALA B 232 -21.05 -3.72 3.94
N PHE B 233 -21.04 -3.04 2.81
CA PHE B 233 -21.29 -1.58 2.89
C PHE B 233 -22.71 -1.18 3.31
N SER B 234 -23.71 -1.96 2.85
CA SER B 234 -25.09 -1.72 3.25
CA SER B 234 -25.08 -1.72 3.25
C SER B 234 -25.27 -1.81 4.76
N MET B 235 -24.59 -2.77 5.40
CA MET B 235 -24.75 -2.97 6.85
C MET B 235 -24.09 -1.83 7.65
N MET B 236 -23.26 -1.02 6.97
CA MET B 236 -22.78 0.25 7.54
C MET B 236 -23.81 1.37 7.51
N ARG B 237 -24.89 1.16 6.77
CA ARG B 237 -25.96 2.16 6.61
C ARG B 237 -25.44 3.37 5.83
N ALA B 238 -24.51 3.11 4.93
CA ALA B 238 -23.85 4.16 4.16
C ALA B 238 -24.40 4.36 2.73
N MET B 239 -25.22 3.42 2.26
CA MET B 239 -25.59 3.37 0.84
C MET B 239 -27.00 3.92 0.62
N SER B 240 -27.17 4.59 -0.51
CA SER B 240 -28.51 4.93 -0.95
C SER B 240 -29.36 3.70 -1.25
N THR B 241 -30.63 3.80 -0.86
CA THR B 241 -31.61 2.79 -1.25
C THR B 241 -32.75 3.39 -2.08
N ARG B 242 -32.45 4.43 -2.84
CA ARG B 242 -33.45 5.01 -3.75
C ARG B 242 -33.59 4.13 -5.01
N ASN B 243 -34.14 2.93 -4.84
CA ASN B 243 -34.10 1.92 -5.88
C ASN B 243 -35.07 2.22 -7.02
N ASP B 244 -36.10 3.01 -6.73
CA ASP B 244 -37.17 3.43 -7.63
CA ASP B 244 -37.12 3.26 -7.75
C ASP B 244 -36.65 4.26 -8.80
N GLU B 245 -35.61 5.06 -8.52
CA GLU B 245 -35.13 6.05 -9.48
C GLU B 245 -33.60 6.02 -9.43
N PRO B 246 -33.01 5.00 -10.08
CA PRO B 246 -31.57 4.78 -9.90
C PRO B 246 -30.71 5.98 -10.27
N GLU B 247 -31.04 6.69 -11.36
CA GLU B 247 -30.21 7.79 -11.85
CA GLU B 247 -30.20 7.77 -11.83
C GLU B 247 -30.31 8.98 -10.91
N ARG B 248 -31.35 9.00 -10.07
CA ARG B 248 -31.56 10.09 -9.11
C ARG B 248 -30.99 9.80 -7.72
N ALA B 249 -30.43 8.62 -7.52
CA ALA B 249 -30.07 8.20 -6.16
C ALA B 249 -28.84 8.91 -5.58
N SER B 250 -27.82 9.12 -6.41
CA SER B 250 -26.52 9.65 -5.94
C SER B 250 -26.59 11.18 -5.98
N ARG B 251 -26.71 11.81 -4.81
CA ARG B 251 -27.03 13.24 -4.74
C ARG B 251 -26.04 14.05 -3.90
N PRO B 252 -24.76 14.00 -4.26
CA PRO B 252 -23.76 14.72 -3.43
C PRO B 252 -24.10 16.20 -3.27
N PHE B 253 -23.96 16.67 -2.02
CA PHE B 253 -24.26 18.03 -1.56
C PHE B 253 -25.73 18.45 -1.64
N ASP B 254 -26.60 17.55 -2.14
CA ASP B 254 -28.03 17.87 -2.19
C ASP B 254 -28.65 17.69 -0.80
N LYS B 255 -29.63 18.52 -0.47
CA LYS B 255 -30.30 18.34 0.83
C LYS B 255 -30.93 16.98 1.04
N ASP B 256 -31.34 16.30 -0.03
CA ASP B 256 -32.07 15.04 0.12
C ASP B 256 -31.18 13.81 -0.10
N ARG B 257 -29.87 14.01 -0.10
CA ARG B 257 -28.95 12.86 -0.20
C ARG B 257 -29.20 11.81 0.89
N ASP B 258 -28.93 10.55 0.55
CA ASP B 258 -29.16 9.45 1.50
C ASP B 258 -28.12 8.36 1.32
N GLY B 259 -26.90 8.72 0.94
CA GLY B 259 -25.82 7.73 0.92
C GLY B 259 -25.24 7.52 -0.46
N PHE B 260 -24.22 6.67 -0.54
CA PHE B 260 -23.48 6.57 -1.78
C PHE B 260 -24.05 5.46 -2.68
N VAL B 261 -23.63 5.47 -3.94
CA VAL B 261 -24.03 4.45 -4.93
C VAL B 261 -22.77 3.89 -5.57
N PHE B 262 -22.67 2.56 -5.68
CA PHE B 262 -21.52 1.97 -6.37
C PHE B 262 -21.59 2.27 -7.85
N GLY B 263 -20.42 2.61 -8.42
CA GLY B 263 -20.30 2.72 -9.85
C GLY B 263 -18.90 2.22 -10.19
N GLU B 264 -18.81 1.17 -10.99
CA GLU B 264 -17.52 0.52 -11.26
C GLU B 264 -16.64 1.44 -12.10
N ALA B 265 -15.32 1.30 -11.90
CA ALA B 265 -14.36 2.03 -12.73
C ALA B 265 -12.98 1.45 -12.47
N GLY B 266 -12.07 1.86 -13.37
CA GLY B 266 -10.62 1.79 -13.14
C GLY B 266 -10.05 2.90 -14.02
N ALA B 267 -8.92 3.47 -13.54
CA ALA B 267 -8.34 4.59 -14.28
C ALA B 267 -6.87 4.66 -14.05
N LEU B 268 -6.12 4.98 -15.11
CA LEU B 268 -4.68 5.21 -15.01
C LEU B 268 -4.30 6.47 -15.78
N MET B 269 -3.24 7.12 -15.31
CA MET B 269 -2.64 8.17 -16.12
C MET B 269 -1.13 7.97 -16.22
N LEU B 270 -0.57 8.55 -17.29
CA LEU B 270 0.89 8.59 -17.45
C LEU B 270 1.36 9.97 -17.07
N ILE B 271 2.30 10.05 -16.10
CA ILE B 271 2.92 11.33 -15.73
C ILE B 271 4.42 11.23 -15.99
N GLU B 272 5.03 12.39 -16.26
CA GLU B 272 6.47 12.37 -16.54
C GLU B 272 6.99 13.79 -16.39
N THR B 273 8.31 13.92 -16.22
CA THR B 273 8.84 15.29 -16.18
C THR B 273 8.53 16.01 -17.51
N GLU B 274 8.39 17.33 -17.43
CA GLU B 274 8.11 18.10 -18.62
C GLU B 274 9.27 17.98 -19.64
N GLU B 275 10.50 17.84 -19.15
CA GLU B 275 11.58 17.67 -20.12
CA GLU B 275 11.68 17.59 -20.00
C GLU B 275 11.54 16.27 -20.76
N HIS B 276 11.12 15.24 -20.03
CA HIS B 276 10.99 13.92 -20.64
C HIS B 276 9.87 13.91 -21.70
N ALA B 277 8.78 14.59 -21.41
CA ALA B 277 7.68 14.70 -22.39
C ALA B 277 8.14 15.43 -23.63
N LYS B 278 8.85 16.55 -23.44
CA LYS B 278 9.30 17.34 -24.57
CA LYS B 278 9.28 17.33 -24.58
C LYS B 278 10.23 16.51 -25.47
N ALA B 279 11.13 15.75 -24.83
CA ALA B 279 12.15 14.99 -25.54
C ALA B 279 11.52 13.97 -26.48
N ARG B 280 10.33 13.45 -26.13
CA ARG B 280 9.68 12.43 -26.99
C ARG B 280 8.50 13.02 -27.74
N GLY B 281 8.30 14.33 -27.61
CA GLY B 281 7.22 15.00 -28.35
C GLY B 281 5.82 14.63 -27.89
N ALA B 282 5.65 14.37 -26.60
CA ALA B 282 4.32 14.16 -26.02
C ALA B 282 3.68 15.50 -25.63
N LYS B 283 2.43 15.70 -26.08
CA LYS B 283 1.68 16.89 -25.71
CA LYS B 283 1.70 16.91 -25.68
C LYS B 283 1.01 16.70 -24.34
N PRO B 284 1.37 17.54 -23.37
CA PRO B 284 0.71 17.40 -22.07
C PRO B 284 -0.79 17.73 -22.09
N LEU B 285 -1.52 16.99 -21.24
CA LEU B 285 -2.94 17.27 -21.04
CA LEU B 285 -2.95 17.26 -21.02
C LEU B 285 -3.14 18.24 -19.88
N ALA B 286 -2.18 18.28 -18.95
CA ALA B 286 -2.25 19.12 -17.74
C ALA B 286 -0.94 18.96 -16.99
N ARG B 287 -0.83 19.71 -15.89
CA ARG B 287 0.35 19.67 -15.03
C ARG B 287 -0.10 19.11 -13.69
N LEU B 288 0.74 18.26 -13.12
CA LEU B 288 0.48 17.75 -11.76
C LEU B 288 1.44 18.47 -10.81
N LEU B 289 0.92 19.44 -10.04
CA LEU B 289 1.73 20.46 -9.39
C LEU B 289 2.14 20.08 -7.96
N GLY B 290 1.32 19.30 -7.25
CA GLY B 290 1.62 19.06 -5.84
C GLY B 290 0.60 18.07 -5.27
N ALA B 291 0.91 17.54 -4.09
CA ALA B 291 0.04 16.53 -3.45
C ALA B 291 0.13 16.73 -1.97
N GLY B 292 -0.97 16.52 -1.26
CA GLY B 292 -0.93 16.59 0.20
C GLY B 292 -1.62 15.38 0.77
N ILE B 293 -1.03 14.74 1.79
CA ILE B 293 -1.65 13.59 2.46
C ILE B 293 -1.64 13.89 3.96
N THR B 294 -2.79 13.77 4.60
CA THR B 294 -2.87 13.91 6.04
C THR B 294 -3.80 12.83 6.56
N SER B 295 -4.06 12.83 7.87
CA SER B 295 -4.99 11.86 8.44
C SER B 295 -5.76 12.51 9.59
N ASP B 296 -6.94 11.97 9.89
CA ASP B 296 -7.83 12.64 10.84
C ASP B 296 -7.54 12.32 12.31
N ALA B 297 -7.14 11.07 12.60
CA ALA B 297 -7.22 10.52 13.96
C ALA B 297 -8.52 10.92 14.68
N PHE B 298 -9.63 10.58 14.04
CA PHE B 298 -10.97 10.88 14.59
C PHE B 298 -11.78 9.61 14.72
N HIS B 299 -12.13 8.99 13.59
CA HIS B 299 -12.92 7.76 13.67
C HIS B 299 -12.53 6.88 12.49
N MET B 300 -12.74 5.58 12.60
CA MET B 300 -12.39 4.70 11.51
CA MET B 300 -12.38 4.68 11.51
C MET B 300 -13.25 4.86 10.27
N VAL B 301 -14.53 5.17 10.46
CA VAL B 301 -15.44 5.19 9.29
C VAL B 301 -16.31 6.43 9.22
N ALA B 302 -15.97 7.45 9.99
CA ALA B 302 -16.63 8.75 9.85
C ALA B 302 -15.53 9.79 9.71
N PRO B 303 -15.69 10.72 8.78
CA PRO B 303 -14.71 11.79 8.67
C PRO B 303 -14.86 12.78 9.84
N ALA B 304 -13.74 13.44 10.20
CA ALA B 304 -13.83 14.49 11.22
C ALA B 304 -14.80 15.57 10.71
N ALA B 305 -15.77 15.94 11.57
CA ALA B 305 -16.76 16.93 11.17
C ALA B 305 -16.14 18.30 10.87
N ASP B 306 -15.06 18.64 11.57
CA ASP B 306 -14.50 19.98 11.40
C ASP B 306 -13.79 20.19 10.07
N GLY B 307 -13.48 19.10 9.36
CA GLY B 307 -12.78 19.24 8.07
C GLY B 307 -11.33 19.75 8.17
N VAL B 308 -10.75 19.82 9.36
CA VAL B 308 -9.48 20.55 9.54
C VAL B 308 -8.29 19.79 8.92
N ARG B 309 -8.15 18.50 9.24
CA ARG B 309 -7.01 17.75 8.64
C ARG B 309 -7.26 17.53 7.16
N ALA B 310 -8.52 17.32 6.73
CA ALA B 310 -8.77 17.20 5.28
C ALA B 310 -8.45 18.52 4.57
N GLY B 311 -8.83 19.65 5.17
CA GLY B 311 -8.41 20.96 4.64
C GLY B 311 -6.90 21.11 4.56
N ARG B 312 -6.20 20.61 5.59
CA ARG B 312 -4.76 20.70 5.56
C ARG B 312 -4.12 19.84 4.47
N ALA B 313 -4.73 18.75 4.02
CA ALA B 313 -4.23 18.03 2.84
C ALA B 313 -4.34 18.93 1.60
N MET B 314 -5.45 19.63 1.46
CA MET B 314 -5.59 20.58 0.34
C MET B 314 -4.52 21.67 0.47
N THR B 315 -4.37 22.27 1.63
CA THR B 315 -3.35 23.31 1.84
CA THR B 315 -3.36 23.34 1.74
C THR B 315 -1.94 22.83 1.51
N ARG B 316 -1.62 21.60 1.92
CA ARG B 316 -0.28 21.05 1.66
C ARG B 316 -0.05 20.91 0.15
N SER B 317 -1.09 20.51 -0.61
CA SER B 317 -0.90 20.37 -2.06
C SER B 317 -0.64 21.74 -2.66
N LEU B 318 -1.25 22.80 -2.10
CA LEU B 318 -0.99 24.18 -2.58
C LEU B 318 0.42 24.65 -2.22
N GLU B 319 0.86 24.34 -1.01
CA GLU B 319 2.20 24.73 -0.58
C GLU B 319 3.25 24.11 -1.47
N LEU B 320 3.06 22.83 -1.82
CA LEU B 320 4.06 22.14 -2.66
C LEU B 320 3.97 22.60 -4.11
N ALA B 321 2.76 22.95 -4.54
CA ALA B 321 2.57 23.55 -5.86
C ALA B 321 3.15 24.96 -5.98
N GLY B 322 3.17 25.68 -4.85
CA GLY B 322 3.51 27.10 -4.88
C GLY B 322 2.31 27.99 -5.21
N LEU B 323 1.11 27.55 -4.82
CA LEU B 323 -0.15 28.26 -5.05
C LEU B 323 -0.75 28.77 -3.74
N SER B 324 -1.62 29.77 -3.86
CA SER B 324 -2.45 30.21 -2.76
CA SER B 324 -2.46 30.26 -2.77
C SER B 324 -3.87 29.75 -3.00
N PRO B 325 -4.66 29.61 -1.92
CA PRO B 325 -6.07 29.27 -2.13
C PRO B 325 -6.82 30.23 -3.08
N ALA B 326 -6.48 31.52 -3.07
CA ALA B 326 -7.13 32.48 -3.97
C ALA B 326 -6.87 32.11 -5.45
N ASP B 327 -5.86 31.29 -5.77
CA ASP B 327 -5.60 30.89 -7.16
C ASP B 327 -6.54 29.76 -7.64
N ILE B 328 -7.15 29.03 -6.71
CA ILE B 328 -7.87 27.82 -7.11
C ILE B 328 -9.22 28.18 -7.79
N ASP B 329 -9.43 27.62 -8.98
CA ASP B 329 -10.64 27.86 -9.77
C ASP B 329 -11.70 26.79 -9.53
N HIS B 330 -11.25 25.59 -9.18
CA HIS B 330 -12.13 24.42 -9.26
C HIS B 330 -11.74 23.38 -8.21
N VAL B 331 -12.72 22.74 -7.58
CA VAL B 331 -12.45 21.60 -6.69
C VAL B 331 -13.28 20.45 -7.22
N ASN B 332 -12.62 19.32 -7.47
CA ASN B 332 -13.34 18.11 -7.82
C ASN B 332 -13.51 17.37 -6.50
N ALA B 333 -14.72 17.42 -5.96
CA ALA B 333 -15.00 16.94 -4.61
C ALA B 333 -15.01 15.42 -4.53
N HIS B 334 -14.63 14.89 -3.38
CA HIS B 334 -14.87 13.48 -3.15
C HIS B 334 -16.36 13.11 -3.05
N GLY B 335 -17.13 14.01 -2.42
CA GLY B 335 -18.60 14.03 -2.56
C GLY B 335 -19.28 12.67 -2.76
N THR B 336 -19.35 11.91 -1.67
CA THR B 336 -19.93 10.54 -1.72
C THR B 336 -21.45 10.52 -1.66
N ALA B 337 -22.06 11.65 -1.27
CA ALA B 337 -23.50 11.75 -0.99
C ALA B 337 -23.99 11.16 0.33
N THR B 338 -23.08 10.85 1.28
CA THR B 338 -23.55 10.64 2.64
C THR B 338 -23.84 12.01 3.28
N PRO B 339 -24.79 12.06 4.23
CA PRO B 339 -25.05 13.30 4.98
C PRO B 339 -23.77 13.81 5.67
N ILE B 340 -23.13 12.96 6.48
CA ILE B 340 -21.97 13.44 7.23
C ILE B 340 -20.73 13.66 6.37
N GLY B 341 -20.59 12.87 5.32
CA GLY B 341 -19.39 12.96 4.49
C GLY B 341 -19.34 14.28 3.74
N ASP B 342 -20.46 14.67 3.12
CA ASP B 342 -20.41 15.89 2.29
C ASP B 342 -20.31 17.16 3.19
N ALA B 343 -20.95 17.10 4.36
CA ALA B 343 -20.84 18.21 5.32
C ALA B 343 -19.40 18.38 5.80
N ALA B 344 -18.67 17.30 6.07
CA ALA B 344 -17.29 17.43 6.52
C ALA B 344 -16.45 18.00 5.39
N GLU B 345 -16.70 17.51 4.18
CA GLU B 345 -15.92 18.02 3.04
C GLU B 345 -16.17 19.51 2.78
N ALA B 346 -17.41 19.96 2.88
CA ALA B 346 -17.64 21.39 2.76
C ALA B 346 -16.84 22.16 3.81
N ASN B 347 -16.82 21.67 5.07
CA ASN B 347 -15.99 22.32 6.08
C ASN B 347 -14.49 22.30 5.69
N ALA B 348 -14.02 21.18 5.12
CA ALA B 348 -12.61 21.09 4.72
C ALA B 348 -12.25 22.09 3.64
N ILE B 349 -13.14 22.21 2.66
CA ILE B 349 -12.92 23.18 1.59
C ILE B 349 -12.87 24.61 2.16
N ARG B 350 -13.74 24.93 3.12
CA ARG B 350 -13.64 26.22 3.80
C ARG B 350 -12.33 26.37 4.58
N VAL B 351 -11.90 25.33 5.29
CA VAL B 351 -10.65 25.44 6.08
C VAL B 351 -9.52 25.79 5.11
N ALA B 352 -9.50 25.18 3.93
CA ALA B 352 -8.44 25.41 2.97
C ALA B 352 -8.58 26.72 2.22
N GLY B 353 -9.68 27.45 2.45
CA GLY B 353 -9.80 28.73 1.74
C GLY B 353 -10.23 28.55 0.28
N CYS B 354 -10.75 27.36 -0.05
CA CYS B 354 -11.07 26.99 -1.41
C CYS B 354 -12.56 27.07 -1.73
N ASP B 355 -13.33 27.66 -0.81
CA ASP B 355 -14.79 27.63 -0.97
C ASP B 355 -15.38 28.68 -1.89
N GLN B 356 -14.52 29.42 -2.57
CA GLN B 356 -15.03 30.28 -3.65
C GLN B 356 -14.94 29.58 -5.01
N ALA B 357 -14.27 28.44 -5.04
CA ALA B 357 -14.06 27.72 -6.28
C ALA B 357 -15.35 27.03 -6.77
N ALA B 358 -15.37 26.68 -8.07
CA ALA B 358 -16.48 25.93 -8.66
C ALA B 358 -16.30 24.45 -8.33
N VAL B 359 -17.34 23.83 -7.77
CA VAL B 359 -17.24 22.46 -7.21
C VAL B 359 -18.01 21.49 -8.12
N TYR B 360 -17.38 20.36 -8.47
CA TYR B 360 -18.06 19.27 -9.15
C TYR B 360 -17.96 18.03 -8.28
N ALA B 361 -19.06 17.26 -8.20
CA ALA B 361 -19.04 15.95 -7.52
C ALA B 361 -19.39 14.83 -8.49
N PRO B 362 -18.38 14.22 -9.12
CA PRO B 362 -18.63 13.25 -10.20
C PRO B 362 -19.35 11.99 -9.75
N LYS B 363 -19.32 11.65 -8.46
CA LYS B 363 -20.03 10.44 -8.03
C LYS B 363 -21.54 10.58 -8.28
N SER B 364 -22.01 11.82 -8.52
CA SER B 364 -23.41 12.04 -8.86
C SER B 364 -23.79 11.29 -10.15
N ALA B 365 -22.82 11.13 -11.06
CA ALA B 365 -23.05 10.49 -12.36
C ALA B 365 -22.42 9.09 -12.48
N LEU B 366 -21.24 8.94 -11.90
CA LEU B 366 -20.42 7.74 -12.11
C LEU B 366 -20.47 6.80 -10.92
N GLY B 367 -21.02 7.30 -9.81
CA GLY B 367 -20.97 6.51 -8.57
C GLY B 367 -19.55 6.31 -8.02
N HIS B 368 -19.45 5.44 -7.02
CA HIS B 368 -18.26 5.30 -6.18
C HIS B 368 -17.56 4.00 -6.53
N SER B 369 -16.31 4.15 -7.01
CA SER B 369 -15.49 2.94 -7.35
C SER B 369 -14.37 2.72 -6.35
N ILE B 370 -14.58 3.16 -5.10
CA ILE B 370 -13.74 2.71 -3.97
C ILE B 370 -12.24 2.94 -4.27
N GLY B 371 -11.40 1.89 -4.36
CA GLY B 371 -9.97 2.17 -4.52
C GLY B 371 -9.60 2.79 -5.88
N ALA B 372 -10.50 2.71 -6.89
CA ALA B 372 -10.18 3.35 -8.17
C ALA B 372 -10.63 4.81 -8.23
N VAL B 373 -11.52 5.23 -7.32
CA VAL B 373 -12.31 6.46 -7.64
C VAL B 373 -11.48 7.74 -7.64
N GLY B 374 -10.46 7.78 -6.77
CA GLY B 374 -9.64 8.99 -6.74
C GLY B 374 -8.83 9.14 -8.02
N ALA B 375 -8.45 8.00 -8.59
CA ALA B 375 -7.74 8.06 -9.90
C ALA B 375 -8.70 8.50 -11.01
N LEU B 376 -9.90 7.92 -11.06
CA LEU B 376 -10.90 8.35 -12.04
C LEU B 376 -11.13 9.85 -11.91
N GLU B 377 -11.31 10.34 -10.69
CA GLU B 377 -11.65 11.76 -10.54
C GLU B 377 -10.45 12.67 -10.81
N SER B 378 -9.23 12.17 -10.61
CA SER B 378 -8.02 12.89 -11.07
C SER B 378 -8.02 13.03 -12.60
N VAL B 379 -8.34 11.96 -13.31
CA VAL B 379 -8.46 12.02 -14.78
C VAL B 379 -9.52 13.04 -15.20
N LEU B 380 -10.66 13.06 -14.51
CA LEU B 380 -11.67 14.07 -14.85
C LEU B 380 -11.21 15.48 -14.56
N THR B 381 -10.46 15.67 -13.48
CA THR B 381 -9.91 17.01 -13.19
C THR B 381 -8.97 17.47 -14.31
N VAL B 382 -8.14 16.54 -14.79
CA VAL B 382 -7.25 16.83 -15.92
C VAL B 382 -8.08 17.22 -17.13
N LEU B 383 -9.18 16.51 -17.40
CA LEU B 383 -9.97 16.84 -18.59
C LEU B 383 -10.68 18.20 -18.43
N THR B 384 -11.09 18.55 -17.21
CA THR B 384 -11.65 19.87 -16.95
C THR B 384 -10.66 20.98 -17.32
N LEU B 385 -9.40 20.80 -16.90
CA LEU B 385 -8.39 21.83 -17.21
C LEU B 385 -8.07 21.84 -18.71
N ARG B 386 -7.93 20.67 -19.30
CA ARG B 386 -7.66 20.58 -20.75
C ARG B 386 -8.72 21.23 -21.62
N ASP B 387 -9.98 21.07 -21.25
CA ASP B 387 -11.10 21.49 -22.09
C ASP B 387 -11.83 22.74 -21.62
N GLY B 388 -11.45 23.25 -20.44
CA GLY B 388 -12.08 24.47 -19.92
C GLY B 388 -13.57 24.27 -19.71
N VAL B 389 -13.94 23.16 -19.08
CA VAL B 389 -15.36 22.89 -18.80
C VAL B 389 -15.52 21.95 -17.63
N ILE B 390 -16.53 22.25 -16.81
CA ILE B 390 -16.87 21.37 -15.70
C ILE B 390 -18.26 20.75 -16.00
N PRO B 391 -18.40 19.42 -15.89
CA PRO B 391 -19.74 18.87 -16.08
C PRO B 391 -20.69 19.25 -14.93
N PRO B 392 -22.00 19.13 -15.17
CA PRO B 392 -22.97 19.37 -14.10
C PRO B 392 -22.92 18.23 -13.06
N THR B 393 -23.08 18.61 -11.79
CA THR B 393 -23.29 17.63 -10.72
C THR B 393 -24.76 17.20 -10.84
N LEU B 394 -24.98 15.92 -11.11
CA LEU B 394 -26.35 15.48 -11.27
C LEU B 394 -27.08 15.52 -9.94
N ASN B 395 -28.40 15.67 -10.05
CA ASN B 395 -29.29 15.48 -8.89
C ASN B 395 -29.19 16.58 -7.83
N TYR B 396 -28.52 17.67 -8.19
CA TYR B 396 -28.31 18.78 -7.24
C TYR B 396 -29.46 19.75 -7.39
N GLU B 397 -30.47 19.57 -6.54
CA GLU B 397 -31.80 20.20 -6.77
C GLU B 397 -32.21 21.12 -5.63
N THR B 398 -31.77 20.78 -4.42
CA THR B 398 -32.09 21.55 -3.21
C THR B 398 -30.80 21.86 -2.42
N PRO B 399 -30.31 23.11 -2.45
CA PRO B 399 -29.10 23.42 -1.71
C PRO B 399 -29.28 23.20 -0.21
N ASP B 400 -28.21 22.71 0.43
CA ASP B 400 -28.17 22.43 1.86
C ASP B 400 -27.41 23.55 2.55
N PRO B 401 -28.04 24.25 3.53
CA PRO B 401 -27.35 25.40 4.11
C PRO B 401 -25.99 25.11 4.79
N GLU B 402 -25.77 23.87 5.23
CA GLU B 402 -24.51 23.49 5.86
CA GLU B 402 -24.51 23.52 5.85
C GLU B 402 -23.40 23.40 4.82
N ILE B 403 -23.76 23.41 3.52
CA ILE B 403 -22.73 23.15 2.50
C ILE B 403 -22.17 24.47 1.94
N ASP B 404 -23.06 25.33 1.45
CA ASP B 404 -22.69 26.69 1.00
C ASP B 404 -21.50 26.70 0.04
N LEU B 405 -21.60 25.86 -0.98
CA LEU B 405 -20.54 25.77 -2.00
C LEU B 405 -21.14 26.16 -3.34
N ASP B 406 -20.28 26.59 -4.27
CA ASP B 406 -20.73 26.83 -5.65
C ASP B 406 -20.66 25.49 -6.36
N VAL B 407 -21.75 24.73 -6.26
CA VAL B 407 -21.83 23.41 -6.89
C VAL B 407 -22.33 23.59 -8.35
N VAL B 408 -21.48 23.22 -9.32
CA VAL B 408 -21.87 23.31 -10.73
C VAL B 408 -22.97 22.30 -11.00
N ALA B 409 -24.08 22.75 -11.57
CA ALA B 409 -25.26 21.93 -11.78
C ALA B 409 -26.08 22.47 -12.93
N GLY B 410 -26.90 21.58 -13.46
CA GLY B 410 -27.88 21.91 -14.49
C GLY B 410 -27.31 21.74 -15.88
N GLU B 411 -26.27 22.51 -16.17
CA GLU B 411 -25.58 22.47 -17.46
CA GLU B 411 -25.59 22.46 -17.46
C GLU B 411 -24.07 22.48 -17.20
N PRO B 412 -23.25 21.98 -18.15
CA PRO B 412 -21.80 22.17 -17.99
C PRO B 412 -21.39 23.66 -17.93
N ARG B 413 -20.36 23.95 -17.13
CA ARG B 413 -19.91 25.32 -16.98
C ARG B 413 -18.56 25.50 -17.66
N TYR B 414 -18.54 26.34 -18.69
CA TYR B 414 -17.30 26.63 -19.41
C TYR B 414 -16.55 27.77 -18.72
N GLY B 415 -15.23 27.68 -18.71
CA GLY B 415 -14.43 28.72 -18.07
C GLY B 415 -12.96 28.48 -18.38
N ASP B 416 -12.17 29.53 -18.16
CA ASP B 416 -10.74 29.43 -18.40
C ASP B 416 -10.02 28.90 -17.16
N TYR B 417 -10.33 27.66 -16.77
CA TYR B 417 -9.82 27.12 -15.51
C TYR B 417 -8.31 26.89 -15.60
N ARG B 418 -7.59 27.38 -14.60
CA ARG B 418 -6.16 27.24 -14.59
C ARG B 418 -5.69 26.30 -13.51
N TYR B 419 -6.29 26.34 -12.31
CA TYR B 419 -5.82 25.51 -11.21
C TYR B 419 -6.98 24.81 -10.53
N ALA B 420 -6.79 23.54 -10.18
CA ALA B 420 -7.88 22.73 -9.59
C ALA B 420 -7.30 21.81 -8.54
N VAL B 421 -8.10 21.52 -7.52
CA VAL B 421 -7.71 20.52 -6.55
C VAL B 421 -8.69 19.36 -6.66
N ASN B 422 -8.14 18.16 -6.70
CA ASN B 422 -8.96 16.95 -6.61
C ASN B 422 -8.85 16.36 -5.20
N ASN B 423 -9.98 16.21 -4.52
CA ASN B 423 -10.02 15.66 -3.15
C ASN B 423 -10.42 14.17 -3.17
N SER B 424 -9.77 13.38 -2.30
CA SER B 424 -10.27 12.02 -2.00
CA SER B 424 -10.17 12.02 -2.03
C SER B 424 -10.01 11.70 -0.55
N PHE B 425 -10.94 10.95 0.04
CA PHE B 425 -10.82 10.57 1.44
C PHE B 425 -11.13 9.10 1.55
N GLY B 426 -10.68 8.49 2.64
CA GLY B 426 -10.92 7.06 2.84
C GLY B 426 -11.13 6.66 4.29
N PHE B 427 -11.91 5.60 4.46
CA PHE B 427 -12.03 4.89 5.77
C PHE B 427 -10.63 4.65 6.33
N GLY B 428 -10.50 4.91 7.64
CA GLY B 428 -9.18 4.96 8.31
C GLY B 428 -8.81 6.41 8.63
N GLY B 429 -9.49 7.37 8.02
CA GLY B 429 -9.25 8.79 8.23
C GLY B 429 -8.22 9.40 7.27
N HIS B 430 -8.08 8.83 6.09
CA HIS B 430 -7.09 9.26 5.10
C HIS B 430 -7.57 10.43 4.27
N ASN B 431 -6.72 11.44 4.14
CA ASN B 431 -7.04 12.61 3.30
C ASN B 431 -5.99 12.83 2.22
N VAL B 432 -6.41 12.90 0.95
CA VAL B 432 -5.43 13.10 -0.12
C VAL B 432 -5.97 14.25 -0.98
N ALA B 433 -5.11 15.21 -1.31
CA ALA B 433 -5.49 16.26 -2.24
C ALA B 433 -4.40 16.35 -3.28
N LEU B 434 -4.84 16.54 -4.52
CA LEU B 434 -3.91 16.71 -5.64
C LEU B 434 -4.17 18.02 -6.33
N ALA B 435 -3.09 18.81 -6.53
CA ALA B 435 -3.22 20.10 -7.22
C ALA B 435 -2.76 19.95 -8.65
N PHE B 436 -3.68 20.25 -9.57
CA PHE B 436 -3.39 20.19 -11.00
C PHE B 436 -3.47 21.58 -11.63
N GLY B 437 -2.74 21.76 -12.71
CA GLY B 437 -2.80 23.03 -13.46
C GLY B 437 -3.03 22.80 -14.96
N ARG B 438 -3.63 23.79 -15.62
CA ARG B 438 -3.71 23.74 -17.06
CA ARG B 438 -3.71 23.77 -17.07
C ARG B 438 -2.32 23.84 -17.67
N TYR B 439 -2.07 23.07 -18.72
CA TYR B 439 -0.83 23.20 -19.42
C TYR B 439 -1.00 24.32 -20.45
C1 EDO C . 0.75 -29.09 0.55
O1 EDO C . -0.09 -28.34 -0.25
C2 EDO C . 0.06 -29.78 1.69
O2 EDO C . 0.06 -31.19 1.50
K K D . 16.89 -8.37 5.88
C1 EDO E . 13.02 -0.43 23.14
O1 EDO E . 13.05 0.77 22.38
C2 EDO E . 14.50 -0.76 23.37
O2 EDO E . 14.49 -1.98 24.11
C1 EDO F . -18.65 -10.79 10.32
O1 EDO F . -18.95 -10.22 9.03
C2 EDO F . -17.21 -10.56 10.78
O2 EDO F . -16.39 -10.44 9.63
C1 EDO G . 16.11 -16.57 -12.79
O1 EDO G . 16.29 -15.16 -13.04
C2 EDO G . 15.64 -16.79 -11.36
O2 EDO G . 16.48 -16.09 -10.41
C1 EDO H . 17.61 -12.25 -15.08
O1 EDO H . 18.84 -12.02 -14.39
C2 EDO H . 17.69 -11.49 -16.40
O2 EDO H . 18.04 -10.12 -16.17
C1 EDO I . 18.40 -6.50 -15.30
O1 EDO I . 19.75 -6.60 -15.78
C2 EDO I . 17.92 -5.07 -15.00
O2 EDO I . 18.84 -4.04 -15.44
C1 EDO J . 6.74 -28.90 -0.80
O1 EDO J . 6.81 -28.90 -2.25
C2 EDO J . 6.30 -27.55 -0.22
O2 EDO J . 7.16 -26.47 -0.72
C1 EDO K . -11.41 -1.17 14.55
C1 EDO K . -11.65 -0.75 14.40
O1 EDO K . -11.72 -1.95 13.40
O1 EDO K . -12.12 0.28 13.52
C2 EDO K . -12.47 -1.41 15.64
C2 EDO K . -12.31 -0.42 15.74
O2 EDO K . -13.75 -1.73 15.06
O2 EDO K . -11.42 -0.93 16.73
C1 EDO L . -5.01 -16.27 16.00
O1 EDO L . -5.25 -15.63 17.27
C2 EDO L . -3.78 -17.12 16.22
O2 EDO L . -4.22 -18.19 17.06
C1 EDO M . 27.26 4.44 -3.69
O1 EDO M . 27.09 4.49 -5.10
C2 EDO M . 27.86 5.77 -3.29
O2 EDO M . 26.74 6.65 -3.30
C1 EDO N . -21.05 -14.26 -1.01
O1 EDO N . -20.26 -14.08 -2.21
C2 EDO N . -22.49 -14.56 -1.37
O2 EDO N . -22.51 -15.93 -1.84
S TLG O . 11.12 -12.48 -1.98
C1 TLG O . 11.67 -11.15 -4.87
C3 TLG O . 13.09 -13.90 -3.25
C4 TLG O . 11.55 -13.81 -3.22
O6 TLG O . 10.96 -16.10 -3.38
C7 TLG O . 10.11 -11.35 -7.36
C8 TLG O . 10.13 -12.37 -6.48
C9 TLG O . 10.92 -12.41 -5.24
C10 TLG O . 10.90 -13.50 -4.50
C11 TLG O . 10.50 -13.67 -0.78
O11 TLG O . 10.21 -13.24 0.28
C12 TLG O . 10.47 -15.00 -1.31
C13 TLG O . 9.95 -16.11 -0.59
C14 TLG O . 9.57 -17.40 -1.25
C15 TLG O . 11.00 -15.06 -2.55
ONA TLG O . 9.80 -16.01 0.61
C M7U P . 4.02 -16.23 9.58
O M7U P . -6.00 -17.41 13.25
P M7U P . -10.15 -19.93 16.07
C1 M7U P . 2.71 -16.65 8.89
O1 M7U P . -8.16 -17.83 12.82
C2 M7U P . 2.31 -15.72 7.77
O2 M7U P . -8.38 -19.98 10.78
C3 M7U P . 1.10 -16.15 6.99
O3 M7U P . -9.78 -18.30 10.33
C4 M7U P . 0.80 -15.06 5.94
O4 M7U P . -9.38 -19.69 14.69
C5 M7U P . -0.52 -15.19 5.31
O5 M7U P . -9.47 -19.11 17.15
C6 M7U P . -1.06 -13.87 4.81
O6 M7U P . -10.08 -21.48 16.32
C7 M7U P . -2.31 -13.43 5.54
O7 M7U P . -11.61 -19.51 15.75
C8 M7U P . -2.68 -14.26 6.74
C9 M7U P . -4.06 -13.92 7.27
C10 M7U P . -4.67 -15.02 8.14
C11 M7U P . -5.33 -14.47 9.40
C12 M7U P . -5.92 -15.54 10.29
C13 M7U P . -6.22 -15.02 11.67
C14 M7U P . -7.39 -15.66 12.40
C15 M7U P . -7.07 -17.03 12.87
C16 M7U P . -7.88 -19.26 13.00
C17 M7U P . -8.83 -20.06 12.15
C18 M7U P . -8.87 -19.02 10.01
C19 M7U P . -8.21 -19.02 8.67
C20 M7U P . -8.65 -17.85 7.82
C21 M7U P . -7.86 -17.77 6.52
C22 M7U P . -7.97 -16.44 5.84
C23 M7U P . -7.65 -16.43 4.35
C24 M7U P . -6.16 -16.65 4.07
C25 M7U P . -5.86 -16.58 2.62
C26 M7U P . -4.44 -17.01 2.30
C27 M7U P . -4.10 -17.08 0.81
C28 M7U P . -4.95 -18.10 0.06
C29 M7U P . -2.61 -17.34 0.63
C30 M7U P . -1.73 -16.29 1.20
C31 M7U P . -1.80 -14.99 0.38
C32 M7U P . -0.73 -14.05 0.80
C33 M7U P . -0.70 -12.81 -0.09
C34 M7U P . 0.17 -11.69 0.44
C35 M7U P . 1.61 -11.99 0.68
C36 M7U P . 2.42 -12.36 -0.52
C37 M7U P . -7.96 -19.60 14.48
K K Q . -12.71 14.08 -6.23
C1 EDO R . -25.05 26.44 -10.30
O1 EDO R . -25.47 25.19 -9.74
C2 EDO R . -24.93 26.26 -11.81
O2 EDO R . -23.65 25.76 -12.22
C1 EDO S . -29.13 0.26 3.94
O1 EDO S . -29.16 1.17 5.05
C2 EDO S . -28.16 0.81 2.90
O2 EDO S . -27.01 1.39 3.55
C1 EDO T . -19.37 31.83 0.25
O1 EDO T . -18.97 32.70 -0.83
C2 EDO T . -18.81 32.36 1.57
O2 EDO T . -17.70 33.24 1.33
C1 EDO U . -16.25 -10.67 -13.02
C1 EDO U . -16.29 -10.37 -13.35
O1 EDO U . -16.70 -12.03 -13.00
O1 EDO U . -15.77 -10.17 -14.67
C2 EDO U . -17.40 -9.76 -12.64
C2 EDO U . -17.40 -9.36 -13.12
O2 EDO U . -18.64 -10.33 -13.08
O2 EDO U . -18.40 -9.58 -14.14
C1 EDO V . -0.60 28.38 0.20
O1 EDO V . 0.75 27.94 0.01
C2 EDO V . -1.22 27.46 1.23
O2 EDO V . -2.01 28.30 2.07
C1 EDO W . -9.31 -24.67 5.44
O1 EDO W . -10.70 -24.61 5.84
C2 EDO W . -8.97 -23.28 4.96
O2 EDO W . -8.92 -22.30 6.02
C1 EDO X . -28.88 -6.07 2.83
O1 EDO X . -28.15 -5.71 1.63
C2 EDO X . -27.68 -5.90 3.80
O2 EDO X . -27.94 -5.50 5.14
S TLG Y . -14.65 8.59 2.62
C1 TLG Y . -13.20 9.72 5.26
C3 TLG Y . -16.36 10.32 3.90
C4 TLG Y . -15.89 8.85 3.96
O6 TLG Y . -17.98 7.84 4.44
C7 TLG Y . -12.82 8.42 7.90
C8 TLG Y . -13.88 8.18 7.18
C9 TLG Y . -14.21 8.78 5.88
C10 TLG Y . -15.37 8.51 5.28
C11 TLG Y . -15.72 7.59 1.61
O11 TLG Y . -15.39 7.26 0.51
C12 TLG Y . -16.97 7.32 2.32
C13 TLG Y . -18.01 6.53 1.77
C14 TLG Y . -19.18 6.04 2.57
C15 TLG Y . -17.04 7.96 3.50
ONA TLG Y . -17.96 6.24 0.58
C M7U Z . -17.76 -0.51 -7.54
O M7U Z . -16.96 -10.94 -9.90
P M7U Z . -18.65 -15.39 -12.58
C1 M7U Z . -17.83 -1.78 -6.70
O1 M7U Z . -16.95 -13.14 -9.52
C2 M7U Z . -16.67 -1.90 -5.72
O2 M7U Z . -18.65 -13.44 -7.19
C3 M7U Z . -16.72 -3.08 -4.73
O3 M7U Z . -16.73 -14.51 -6.75
C4 M7U Z . -15.37 -3.23 -3.97
O4 M7U Z . -18.67 -14.72 -11.13
C5 M7U Z . -15.35 -4.25 -2.86
O5 M7U Z . -17.28 -15.15 -13.32
C6 M7U Z . -14.05 -5.06 -2.77
O6 M7U Z . -19.81 -14.71 -13.37
C7 M7U Z . -13.61 -5.69 -4.06
O7 M7U Z . -18.98 -16.87 -12.28
C8 M7U Z . -13.17 -7.13 -3.91
C9 M7U Z . -12.90 -7.84 -5.21
C10 M7U Z . -14.09 -8.61 -5.72
C11 M7U Z . -13.77 -9.31 -7.01
C12 M7U Z . -14.86 -10.24 -7.57
C13 M7U Z . -14.41 -10.66 -8.94
C14 M7U Z . -14.89 -12.02 -9.45
C15 M7U Z . -16.35 -11.94 -9.69
C16 M7U Z . -18.41 -13.13 -9.45
C17 M7U Z . -18.83 -14.15 -8.43
C18 M7U Z . -17.54 -13.67 -6.48
C19 M7U Z . -17.49 -12.80 -5.26
C20 M7U Z . -16.23 -13.02 -4.46
C21 M7U Z . -16.22 -12.25 -3.16
C22 M7U Z . -14.82 -11.93 -2.73
C23 M7U Z . -14.70 -11.37 -1.34
C24 M7U Z . -15.24 -9.98 -1.21
C25 M7U Z . -15.08 -9.48 0.20
C26 M7U Z . -15.74 -8.14 0.43
C27 M7U Z . -15.76 -7.66 1.87
C28 M7U Z . -16.53 -8.63 2.80
C29 M7U Z . -16.39 -6.30 1.95
C30 M7U Z . -15.65 -5.22 1.18
C31 M7U Z . -14.28 -4.86 1.81
C32 M7U Z . -13.65 -3.69 1.12
C33 M7U Z . -12.37 -3.22 1.81
C34 M7U Z . -11.57 -2.24 0.98
C35 M7U Z . -12.17 -0.85 0.74
C36 M7U Z . -12.57 -0.11 1.96
C37 M7U Z . -18.97 -13.33 -10.84
#